data_9DTG
#
_entry.id   9DTG
#
_cell.length_a   1.00
_cell.length_b   1.00
_cell.length_c   1.00
_cell.angle_alpha   90.00
_cell.angle_beta   90.00
_cell.angle_gamma   90.00
#
_symmetry.space_group_name_H-M   'P 1'
#
_entity_poly.entity_id   1
_entity_poly.type   'polypeptide(L)'
_entity_poly.pdbx_seq_one_letter_code
;MKGGNADSWQREKLASMESPEEPGASMDENYFVNYTFKDRSHSGRVAQGIMKLCLEEELFADVTISVEGREFQLHRLVLS
AQSCFFRSMFTSNLKEAHNRVIVLQDVSESVFQLLVDYIYHGTVKLRAEELQEIYEVSDMYQLTSLFEECSRFLARTVQV
GNCLQVMWLADRHSDPELYTAAKHCAKTHLAQLQNTEEFLHLPHRLLTDIISDGVPCSQNPTEAIEAWINFNKEEREAFA
ESLRTSLKEIGENVHIYLIGKESSRTHSLAVSLHCAEDDSISVSGQNSLCHQITAACKHGGDLYVVGGSIPRRMWKCNNA
TVDWEWCAPLPRDRLQHTLVSVPGKDAIYSLGGKTLQDTLSNAVIYYRVGDNVWTETTQLEVAVSGAAGANLNGIIYLLG
GEENDLDFFTKPSRLIQCFDTETDKCHVKPYVLPFAGRMHAAVHKDLVFIVAEGDSLVCYNPLLDSFTRLCLPEAWSSAP
SLWKIASCNGSIYVFRDRYKKGDANTYKLDPATSAVTVTRGIKVLLTNLQFVLA
;
_entity_poly.pdbx_strand_id   A,B
#
# COMPACT_ATOMS: atom_id res chain seq x y z
N PRO A 23 8.49 5.30 -19.91
CA PRO A 23 9.59 5.56 -20.84
C PRO A 23 9.11 5.59 -22.30
N GLY A 24 9.60 6.54 -23.08
CA GLY A 24 9.20 6.62 -24.47
C GLY A 24 10.33 6.51 -25.48
N ALA A 25 11.53 6.95 -25.11
CA ALA A 25 12.59 7.12 -26.09
C ALA A 25 13.97 6.88 -25.49
N SER A 26 15.00 7.39 -26.19
CA SER A 26 16.43 7.38 -25.90
C SER A 26 17.15 6.40 -26.83
N MET A 27 17.99 6.93 -27.70
CA MET A 27 18.68 6.12 -28.70
C MET A 27 19.98 5.62 -28.08
N ASP A 28 20.45 6.30 -27.04
CA ASP A 28 21.68 5.90 -26.36
C ASP A 28 21.50 4.70 -25.45
N GLU A 29 20.32 4.50 -24.87
CA GLU A 29 20.06 3.31 -24.07
C GLU A 29 19.83 2.13 -25.00
N ASN A 30 20.92 1.42 -25.35
CA ASN A 30 20.87 0.26 -26.23
C ASN A 30 21.21 -0.97 -25.39
N TYR A 31 20.23 -1.85 -25.22
CA TYR A 31 20.28 -2.94 -24.25
C TYR A 31 21.46 -3.88 -24.46
N PHE A 32 21.89 -4.04 -25.70
CA PHE A 32 22.98 -4.97 -26.02
C PHE A 32 24.36 -4.36 -25.79
N VAL A 33 24.47 -3.05 -25.61
CA VAL A 33 25.77 -2.43 -25.36
C VAL A 33 25.73 -1.58 -24.09
N ASN A 34 24.74 -0.69 -23.98
CA ASN A 34 24.73 0.25 -22.87
C ASN A 34 23.31 0.74 -22.56
N TYR A 35 22.69 0.20 -21.50
CA TYR A 35 21.45 0.79 -21.01
C TYR A 35 21.64 1.31 -19.59
N THR A 36 20.56 1.75 -18.96
CA THR A 36 20.65 2.31 -17.61
C THR A 36 19.74 1.47 -16.70
N PHE A 37 20.34 0.79 -15.73
CA PHE A 37 19.58 0.05 -14.74
C PHE A 37 18.78 1.00 -13.84
N LYS A 38 17.56 0.61 -13.54
CA LYS A 38 16.69 1.39 -12.64
C LYS A 38 15.89 0.39 -11.81
N ASP A 39 16.37 0.12 -10.60
CA ASP A 39 15.74 -0.85 -9.72
C ASP A 39 14.69 -0.17 -8.84
N ARG A 40 13.56 -0.85 -8.67
CA ARG A 40 12.46 -0.35 -7.85
C ARG A 40 12.47 -0.96 -6.45
N SER A 41 13.56 -1.59 -6.06
CA SER A 41 13.71 -2.20 -4.73
C SER A 41 14.74 -1.45 -3.90
N HIS A 42 14.91 -0.16 -4.15
CA HIS A 42 15.84 0.66 -3.38
C HIS A 42 15.22 1.17 -2.09
N SER A 43 13.93 0.94 -1.86
CA SER A 43 13.26 1.31 -0.63
C SER A 43 12.83 0.10 0.21
N GLY A 44 12.56 -1.03 -0.43
CA GLY A 44 12.26 -2.26 0.27
C GLY A 44 13.47 -3.02 0.76
N ARG A 45 14.67 -2.52 0.50
CA ARG A 45 15.90 -3.15 0.94
C ARG A 45 16.82 -2.20 1.72
N VAL A 46 16.63 -0.89 1.60
CA VAL A 46 17.46 0.08 2.29
C VAL A 46 16.69 0.78 3.40
N ALA A 47 15.43 1.14 3.15
CA ALA A 47 14.61 1.74 4.20
C ALA A 47 14.07 0.68 5.14
N GLN A 48 13.27 -0.25 4.61
CA GLN A 48 12.81 -1.38 5.41
C GLN A 48 13.96 -2.30 5.80
N GLY A 49 15.06 -2.28 5.05
CA GLY A 49 16.21 -3.06 5.43
C GLY A 49 16.86 -2.57 6.72
N ILE A 50 16.94 -1.26 6.89
CA ILE A 50 17.52 -0.69 8.12
C ILE A 50 16.38 -0.56 9.11
N MET A 51 16.02 -1.70 9.71
CA MET A 51 15.13 -1.77 10.87
C MET A 51 15.63 -2.73 11.93
N LYS A 52 16.59 -3.61 11.61
CA LYS A 52 17.22 -4.49 12.58
C LYS A 52 18.63 -4.05 12.95
N LEU A 53 19.31 -3.34 12.05
CA LEU A 53 20.65 -2.86 12.34
C LEU A 53 20.66 -1.54 13.09
N CYS A 54 19.54 -0.84 13.14
CA CYS A 54 19.46 0.47 13.79
C CYS A 54 18.53 0.48 14.99
N LEU A 55 17.29 0.04 14.82
CA LEU A 55 16.29 0.11 15.90
C LEU A 55 16.30 -1.14 16.77
N GLU A 56 16.07 -2.30 16.17
CA GLU A 56 15.91 -3.53 16.96
C GLU A 56 17.24 -3.96 17.58
N GLU A 57 18.23 -4.25 16.75
CA GLU A 57 19.55 -4.69 17.20
C GLU A 57 20.54 -3.57 16.92
N GLU A 58 20.72 -2.68 17.90
CA GLU A 58 21.67 -1.59 17.75
C GLU A 58 23.08 -2.12 17.65
N LEU A 59 23.71 -1.92 16.50
CA LEU A 59 25.06 -2.42 16.25
C LEU A 59 26.08 -1.30 16.09
N PHE A 60 25.81 -0.33 15.24
CA PHE A 60 26.74 0.76 14.95
C PHE A 60 26.20 2.04 15.59
N ALA A 61 26.84 2.46 16.68
CA ALA A 61 26.46 3.66 17.42
C ALA A 61 27.56 4.70 17.30
N ASP A 62 27.15 5.97 17.25
CA ASP A 62 28.07 7.07 16.98
C ASP A 62 28.34 7.94 18.21
N VAL A 63 27.31 8.49 18.82
CA VAL A 63 27.47 9.45 19.90
C VAL A 63 27.04 8.82 21.22
N THR A 64 27.58 9.35 22.31
CA THR A 64 27.28 8.89 23.66
C THR A 64 26.70 10.07 24.45
N ILE A 65 25.37 10.23 24.38
CA ILE A 65 24.71 11.26 25.15
C ILE A 65 24.70 10.88 26.61
N SER A 66 25.12 11.81 27.47
CA SER A 66 25.19 11.57 28.92
C SER A 66 24.12 12.37 29.61
N VAL A 67 23.29 11.70 30.40
CA VAL A 67 22.25 12.34 31.20
C VAL A 67 22.51 12.01 32.66
N GLU A 68 22.74 13.04 33.47
CA GLU A 68 23.08 12.91 34.89
C GLU A 68 24.28 11.97 34.98
N GLY A 69 24.27 10.97 35.85
CA GLY A 69 25.35 10.00 35.92
C GLY A 69 25.09 8.75 35.11
N ARG A 70 24.99 8.90 33.79
CA ARG A 70 24.73 7.76 32.92
C ARG A 70 25.43 7.99 31.59
N GLU A 71 25.59 6.90 30.84
CA GLU A 71 26.21 6.93 29.52
C GLU A 71 25.32 6.17 28.55
N PHE A 72 24.47 6.90 27.82
CA PHE A 72 23.63 6.31 26.80
C PHE A 72 24.41 6.17 25.50
N GLN A 73 24.10 5.12 24.74
CA GLN A 73 24.72 4.87 23.44
C GLN A 73 23.63 5.02 22.38
N LEU A 74 23.56 6.20 21.77
CA LEU A 74 22.49 6.53 20.83
C LEU A 74 23.08 6.78 19.45
N HIS A 75 22.35 6.34 18.43
CA HIS A 75 22.77 6.57 17.05
C HIS A 75 22.69 8.06 16.72
N ARG A 76 23.54 8.48 15.78
CA ARG A 76 23.50 9.83 15.24
C ARG A 76 22.51 9.96 14.09
N LEU A 77 21.88 8.85 13.68
CA LEU A 77 21.04 8.83 12.49
C LEU A 77 19.55 8.93 12.83
N VAL A 78 19.06 8.01 13.66
CA VAL A 78 17.62 7.97 13.94
C VAL A 78 17.18 9.16 14.78
N LEU A 79 18.10 9.74 15.56
CA LEU A 79 17.73 10.90 16.37
C LEU A 79 17.41 12.11 15.50
N SER A 80 18.19 12.34 14.44
CA SER A 80 17.99 13.49 13.58
C SER A 80 16.84 13.30 12.59
N ALA A 81 16.31 12.09 12.44
CA ALA A 81 15.20 11.85 11.55
C ALA A 81 13.85 12.13 12.20
N GLN A 82 13.79 12.30 13.53
CA GLN A 82 12.56 12.58 14.24
C GLN A 82 12.56 13.94 14.90
N SER A 83 13.59 14.25 15.70
CA SER A 83 13.66 15.51 16.44
C SER A 83 14.63 16.43 15.71
N CYS A 84 14.09 17.51 15.12
CA CYS A 84 14.93 18.42 14.36
C CYS A 84 15.88 19.21 15.25
N PHE A 85 15.58 19.28 16.56
CA PHE A 85 16.51 19.95 17.48
C PHE A 85 17.82 19.18 17.57
N PHE A 86 17.76 17.86 17.63
CA PHE A 86 18.97 17.05 17.64
C PHE A 86 19.71 17.17 16.32
N ARG A 87 19.00 17.46 15.23
CA ARG A 87 19.64 17.64 13.93
C ARG A 87 20.53 18.88 13.93
N SER A 88 20.13 19.94 14.62
CA SER A 88 20.93 21.16 14.64
C SER A 88 22.18 21.02 15.49
N MET A 89 22.12 20.24 16.57
CA MET A 89 23.30 20.08 17.41
C MET A 89 24.35 19.19 16.77
N PHE A 90 23.93 18.19 15.98
CA PHE A 90 24.90 17.30 15.34
C PHE A 90 25.47 17.91 14.06
N THR A 91 24.62 18.48 13.21
CA THR A 91 25.09 19.02 11.94
C THR A 91 26.03 20.20 12.12
N SER A 92 25.71 21.10 13.06
CA SER A 92 26.51 22.31 13.25
C SER A 92 27.79 21.94 13.98
N ASN A 93 28.76 21.44 13.22
CA ASN A 93 30.07 21.12 13.76
C ASN A 93 30.79 22.40 14.20
N LEU A 94 31.46 22.33 15.35
CA LEU A 94 32.17 23.48 15.90
C LEU A 94 33.37 22.97 16.67
N LYS A 95 34.00 23.88 17.44
CA LYS A 95 35.16 23.51 18.24
C LYS A 95 34.81 22.51 19.34
N GLU A 96 33.56 22.48 19.78
CA GLU A 96 33.12 21.56 20.82
C GLU A 96 32.56 20.25 20.26
N ALA A 97 32.66 20.04 18.95
CA ALA A 97 32.19 18.81 18.33
C ALA A 97 33.28 17.75 18.22
N HIS A 98 34.47 18.02 18.75
CA HIS A 98 35.57 17.08 18.70
C HIS A 98 35.43 15.92 19.68
N ASN A 99 34.54 16.03 20.66
CA ASN A 99 34.31 14.98 21.64
C ASN A 99 32.97 14.31 21.40
N ARG A 100 32.90 13.02 21.73
CA ARG A 100 31.72 12.21 21.51
C ARG A 100 30.87 12.05 22.77
N VAL A 101 31.15 12.82 23.81
CA VAL A 101 30.34 12.82 25.03
C VAL A 101 29.59 14.14 25.05
N ILE A 102 28.27 14.07 24.98
CA ILE A 102 27.40 15.24 24.98
C ILE A 102 26.56 15.21 26.25
N VAL A 103 26.63 16.27 27.04
CA VAL A 103 25.93 16.33 28.31
C VAL A 103 24.60 17.05 28.12
N LEU A 104 23.57 16.56 28.80
CA LEU A 104 22.26 17.19 28.83
C LEU A 104 21.95 17.65 30.24
N GLN A 105 21.14 18.69 30.35
CA GLN A 105 20.91 19.34 31.64
C GLN A 105 19.47 19.33 32.10
N ASP A 106 18.52 19.55 31.19
CA ASP A 106 17.12 19.72 31.55
C ASP A 106 16.44 18.40 31.93
N VAL A 107 16.71 17.32 31.19
CA VAL A 107 16.00 16.06 31.36
C VAL A 107 16.60 15.30 32.53
N SER A 108 15.76 14.53 33.21
CA SER A 108 16.20 13.73 34.34
C SER A 108 16.69 12.36 33.88
N GLU A 109 17.11 11.54 34.84
CA GLU A 109 17.61 10.20 34.54
C GLU A 109 16.50 9.22 34.19
N SER A 110 15.34 9.32 34.83
CA SER A 110 14.24 8.39 34.61
C SER A 110 13.23 8.89 33.59
N VAL A 111 13.44 10.08 33.02
CA VAL A 111 12.57 10.59 31.97
C VAL A 111 13.20 10.46 30.59
N PHE A 112 14.51 10.67 30.45
CA PHE A 112 15.17 10.47 29.17
C PHE A 112 15.06 9.04 28.68
N GLN A 113 15.07 8.07 29.59
CA GLN A 113 14.90 6.67 29.18
C GLN A 113 13.55 6.44 28.54
N LEU A 114 12.49 7.05 29.11
CA LEU A 114 11.18 6.99 28.47
C LEU A 114 11.20 7.68 27.11
N LEU A 115 11.96 8.76 26.98
CA LEU A 115 12.07 9.44 25.70
C LEU A 115 12.83 8.60 24.68
N VAL A 116 13.96 8.02 25.09
CA VAL A 116 14.74 7.19 24.18
C VAL A 116 14.01 5.88 23.87
N ASP A 117 13.04 5.50 24.71
CA ASP A 117 12.23 4.34 24.40
C ASP A 117 11.23 4.63 23.28
N TYR A 118 10.74 5.88 23.21
CA TYR A 118 9.83 6.24 22.14
C TYR A 118 10.56 6.41 20.81
N ILE A 119 11.74 7.03 20.83
CA ILE A 119 12.44 7.36 19.59
C ILE A 119 12.79 6.09 18.81
N TYR A 120 13.28 5.07 19.50
CA TYR A 120 13.73 3.86 18.81
C TYR A 120 12.58 2.92 18.52
N HIS A 121 11.82 2.51 19.53
CA HIS A 121 10.77 1.53 19.34
C HIS A 121 9.44 2.20 18.98
N GLY A 122 8.93 3.05 19.85
CA GLY A 122 7.68 3.75 19.56
C GLY A 122 6.54 3.38 20.49
N THR A 123 6.86 2.77 21.64
CA THR A 123 5.86 2.37 22.63
C THR A 123 6.36 2.81 24.01
N VAL A 124 6.01 4.04 24.39
CA VAL A 124 6.44 4.62 25.66
C VAL A 124 5.29 4.55 26.64
N LYS A 125 5.55 4.01 27.83
CA LYS A 125 4.53 3.89 28.87
C LYS A 125 4.45 5.20 29.61
N LEU A 126 3.34 5.92 29.43
CA LEU A 126 3.18 7.24 30.02
C LEU A 126 2.62 7.10 31.43
N ARG A 127 3.43 7.47 32.42
CA ARG A 127 3.02 7.37 33.81
C ARG A 127 2.12 8.56 34.16
N ALA A 128 1.88 8.77 35.45
CA ALA A 128 1.04 9.85 35.93
C ALA A 128 1.85 11.01 36.50
N GLU A 129 2.76 10.72 37.43
CA GLU A 129 3.54 11.78 38.06
C GLU A 129 4.55 12.38 37.08
N GLU A 130 5.20 11.55 36.28
CA GLU A 130 6.17 12.01 35.30
C GLU A 130 5.48 12.23 33.93
N LEU A 131 4.38 12.98 33.99
CA LEU A 131 3.65 13.35 32.79
C LEU A 131 3.85 14.80 32.39
N GLN A 132 3.97 15.72 33.35
CA GLN A 132 4.33 17.09 33.04
C GLN A 132 5.80 17.23 32.67
N GLU A 133 6.61 16.20 32.89
CA GLU A 133 8.01 16.21 32.51
C GLU A 133 8.26 15.70 31.10
N ILE A 134 7.35 14.89 30.55
CA ILE A 134 7.41 14.50 29.15
C ILE A 134 6.56 15.43 28.28
N TYR A 135 6.18 16.59 28.82
CA TYR A 135 5.52 17.65 28.06
C TYR A 135 6.43 18.83 27.82
N GLU A 136 7.22 19.24 28.82
CA GLU A 136 8.13 20.35 28.65
C GLU A 136 9.35 19.96 27.82
N VAL A 137 9.90 18.76 28.04
CA VAL A 137 11.09 18.37 27.30
C VAL A 137 10.73 17.82 25.92
N SER A 138 9.49 17.33 25.75
CA SER A 138 9.07 16.85 24.44
C SER A 138 8.77 17.98 23.48
N ASP A 139 8.65 19.21 23.97
CA ASP A 139 8.44 20.36 23.11
C ASP A 139 9.73 21.01 22.66
N MET A 140 10.75 21.05 23.53
CA MET A 140 12.03 21.61 23.12
C MET A 140 12.71 20.75 22.07
N TYR A 141 12.59 19.43 22.20
CA TYR A 141 13.12 18.53 21.18
C TYR A 141 12.24 18.48 19.94
N GLN A 142 11.06 19.09 19.99
CA GLN A 142 10.17 19.23 18.84
C GLN A 142 9.77 17.87 18.27
N LEU A 143 9.43 16.94 19.16
CA LEU A 143 8.80 15.68 18.77
C LEU A 143 7.31 15.94 18.60
N THR A 144 6.87 16.15 17.36
CA THR A 144 5.50 16.55 17.08
C THR A 144 4.51 15.39 17.15
N SER A 145 4.90 14.25 17.71
CA SER A 145 3.98 13.14 17.90
C SER A 145 3.76 12.78 19.36
N LEU A 146 4.81 12.84 20.18
CA LEU A 146 4.63 12.67 21.62
C LEU A 146 4.05 13.93 22.27
N PHE A 147 4.42 15.11 21.76
CA PHE A 147 3.87 16.35 22.30
C PHE A 147 2.39 16.49 21.98
N GLU A 148 1.93 15.89 20.88
CA GLU A 148 0.51 15.90 20.55
C GLU A 148 -0.25 14.78 21.23
N GLU A 149 0.42 13.94 22.01
CA GLU A 149 -0.23 12.92 22.83
C GLU A 149 -0.17 13.25 24.32
N CYS A 150 0.93 13.82 24.79
CA CYS A 150 0.96 14.34 26.15
C CYS A 150 0.07 15.55 26.32
N SER A 151 -0.26 16.24 25.21
CA SER A 151 -1.24 17.32 25.29
C SER A 151 -2.65 16.76 25.51
N ARG A 152 -2.99 15.68 24.82
CA ARG A 152 -4.29 15.06 25.03
C ARG A 152 -4.39 14.41 26.40
N PHE A 153 -3.26 13.95 26.94
CA PHE A 153 -3.27 13.41 28.30
C PHE A 153 -3.64 14.49 29.31
N LEU A 154 -3.08 15.69 29.16
CA LEU A 154 -3.41 16.79 30.06
C LEU A 154 -4.76 17.41 29.77
N ALA A 155 -5.40 17.05 28.67
CA ALA A 155 -6.73 17.59 28.36
C ALA A 155 -7.84 16.76 28.99
N ARG A 156 -7.52 15.66 29.67
CA ARG A 156 -8.52 14.81 30.30
C ARG A 156 -8.25 14.49 31.75
N THR A 157 -7.07 14.81 32.27
CA THR A 157 -6.75 14.61 33.67
C THR A 157 -6.90 15.88 34.50
N VAL A 158 -7.52 16.91 33.93
CA VAL A 158 -7.69 18.20 34.59
C VAL A 158 -8.82 18.12 35.60
N GLN A 159 -8.55 18.54 36.83
CA GLN A 159 -9.54 18.63 37.88
C GLN A 159 -9.70 20.08 38.33
N VAL A 160 -10.61 20.31 39.27
CA VAL A 160 -10.93 21.66 39.70
C VAL A 160 -9.75 22.33 40.38
N GLY A 161 -8.89 21.55 41.05
CA GLY A 161 -7.74 22.13 41.73
C GLY A 161 -6.50 22.26 40.88
N ASN A 162 -6.55 21.79 39.63
CA ASN A 162 -5.38 21.75 38.77
C ASN A 162 -5.46 22.67 37.56
N CYS A 163 -6.65 23.15 37.20
CA CYS A 163 -6.80 23.95 36.00
C CYS A 163 -6.50 25.43 36.25
N LEU A 164 -5.37 25.68 36.91
CA LEU A 164 -4.78 27.01 36.96
C LEU A 164 -3.28 27.01 36.71
N GLN A 165 -2.59 25.89 36.87
CA GLN A 165 -1.22 25.73 36.43
C GLN A 165 -1.13 25.09 35.06
N VAL A 166 -2.08 24.24 34.70
CA VAL A 166 -2.14 23.71 33.34
C VAL A 166 -2.41 24.83 32.35
N MET A 167 -3.31 25.75 32.70
CA MET A 167 -3.55 26.90 31.83
C MET A 167 -2.30 27.74 31.65
N TRP A 168 -1.55 27.96 32.74
CA TRP A 168 -0.29 28.67 32.63
C TRP A 168 0.77 27.84 31.90
N LEU A 169 0.64 26.52 31.89
CA LEU A 169 1.56 25.64 31.19
C LEU A 169 1.27 25.56 29.70
N ALA A 170 0.10 26.00 29.25
CA ALA A 170 -0.27 25.91 27.84
C ALA A 170 -0.04 27.20 27.06
N ASP A 171 0.01 28.35 27.73
CA ASP A 171 0.29 29.60 27.04
C ASP A 171 1.78 29.90 26.91
N ARG A 172 2.64 29.11 27.55
CA ARG A 172 4.07 29.31 27.41
C ARG A 172 4.63 28.48 26.26
N HIS A 173 4.04 27.31 26.00
CA HIS A 173 4.42 26.47 24.88
C HIS A 173 3.54 26.71 23.64
N SER A 174 2.56 27.60 23.74
CA SER A 174 1.67 27.94 22.63
C SER A 174 0.98 26.69 22.07
N ASP A 175 0.15 26.09 22.92
CA ASP A 175 -0.61 24.88 22.57
C ASP A 175 -2.09 25.17 22.79
N PRO A 176 -2.80 25.67 21.77
CA PRO A 176 -4.21 26.04 21.95
C PRO A 176 -5.14 24.86 22.12
N GLU A 177 -4.70 23.63 21.90
CA GLU A 177 -5.53 22.46 22.12
C GLU A 177 -5.67 22.10 23.59
N LEU A 178 -4.83 22.67 24.45
CA LEU A 178 -4.90 22.48 25.90
C LEU A 178 -5.33 23.73 26.64
N TYR A 179 -4.88 24.90 26.18
CA TYR A 179 -5.27 26.15 26.82
C TYR A 179 -6.77 26.40 26.70
N THR A 180 -7.44 25.75 25.76
CA THR A 180 -8.90 25.81 25.67
C THR A 180 -9.57 24.64 26.39
N ALA A 181 -8.93 23.46 26.40
CA ALA A 181 -9.47 22.33 27.14
C ALA A 181 -9.29 22.48 28.64
N ALA A 182 -8.26 23.21 29.06
CA ALA A 182 -8.06 23.54 30.46
C ALA A 182 -8.70 24.87 30.84
N LYS A 183 -9.40 25.51 29.91
CA LYS A 183 -10.15 26.72 30.22
C LYS A 183 -11.57 26.42 30.68
N HIS A 184 -12.19 25.38 30.13
CA HIS A 184 -13.51 24.99 30.61
C HIS A 184 -13.39 24.09 31.83
N CYS A 185 -12.55 24.49 32.77
CA CYS A 185 -12.52 23.96 34.12
C CYS A 185 -12.49 25.09 35.15
N ALA A 186 -11.78 26.17 34.87
CA ALA A 186 -11.79 27.35 35.73
C ALA A 186 -12.86 28.35 35.34
N LYS A 187 -13.62 28.09 34.27
CA LYS A 187 -14.71 28.96 33.86
C LYS A 187 -16.06 28.42 34.33
N THR A 188 -16.22 27.10 34.37
CA THR A 188 -17.44 26.49 34.88
C THR A 188 -17.33 26.13 36.37
N HIS A 189 -16.18 26.38 36.99
CA HIS A 189 -16.00 26.12 38.42
C HIS A 189 -15.28 27.28 39.08
N LEU A 190 -15.60 28.51 38.65
CA LEU A 190 -14.92 29.69 39.18
C LEU A 190 -15.28 29.98 40.63
N ALA A 191 -16.43 29.50 41.10
CA ALA A 191 -16.86 29.81 42.46
C ALA A 191 -15.91 29.25 43.49
N GLN A 192 -15.50 27.99 43.32
CA GLN A 192 -14.57 27.38 44.27
C GLN A 192 -13.18 27.97 44.15
N LEU A 193 -12.77 28.36 42.95
CA LEU A 193 -11.46 28.95 42.71
C LEU A 193 -11.32 30.35 43.28
N GLN A 194 -12.42 30.96 43.73
CA GLN A 194 -12.36 32.33 44.24
C GLN A 194 -11.46 32.45 45.46
N ASN A 195 -11.55 31.50 46.38
CA ASN A 195 -10.77 31.53 47.62
C ASN A 195 -9.34 31.03 47.43
N THR A 196 -9.08 30.24 46.40
CA THR A 196 -7.78 29.63 46.19
C THR A 196 -6.70 30.70 46.01
N GLU A 197 -5.52 30.41 46.55
CA GLU A 197 -4.39 31.34 46.49
C GLU A 197 -3.76 31.42 45.12
N GLU A 198 -3.96 30.40 44.27
CA GLU A 198 -3.40 30.45 42.92
C GLU A 198 -4.13 31.46 42.04
N PHE A 199 -5.43 31.66 42.26
CA PHE A 199 -6.21 32.59 41.45
C PHE A 199 -5.83 34.04 41.72
N LEU A 200 -5.31 34.34 42.91
CA LEU A 200 -4.98 35.72 43.24
C LEU A 200 -3.79 36.25 42.47
N HIS A 201 -2.90 35.37 42.01
CA HIS A 201 -1.71 35.78 41.26
C HIS A 201 -1.89 35.66 39.75
N LEU A 202 -3.11 35.42 39.29
CA LEU A 202 -3.34 35.26 37.86
C LEU A 202 -3.14 36.58 37.13
N PRO A 203 -2.31 36.64 36.10
CA PRO A 203 -2.11 37.90 35.38
C PRO A 203 -3.39 38.32 34.65
N HIS A 204 -3.45 39.63 34.36
CA HIS A 204 -4.62 40.17 33.69
C HIS A 204 -4.82 39.59 32.29
N ARG A 205 -3.75 39.10 31.66
CA ARG A 205 -3.88 38.57 30.30
C ARG A 205 -4.78 37.33 30.28
N LEU A 206 -4.58 36.41 31.22
CA LEU A 206 -5.36 35.18 31.25
C LEU A 206 -6.77 35.38 31.79
N LEU A 207 -6.95 36.32 32.72
CA LEU A 207 -8.25 36.49 33.35
C LEU A 207 -9.28 37.09 32.40
N THR A 208 -8.83 37.85 31.40
CA THR A 208 -9.74 38.39 30.40
C THR A 208 -10.25 37.31 29.43
N ASP A 209 -9.70 36.11 29.49
CA ASP A 209 -10.17 34.99 28.69
C ASP A 209 -11.09 34.05 29.44
N ILE A 210 -10.87 33.86 30.74
CA ILE A 210 -11.75 33.00 31.53
C ILE A 210 -13.14 33.62 31.64
N ILE A 211 -13.20 34.92 31.91
CA ILE A 211 -14.49 35.59 32.08
C ILE A 211 -15.21 35.70 30.74
N SER A 212 -14.49 36.06 29.68
CA SER A 212 -15.10 36.32 28.38
C SER A 212 -15.57 35.06 27.67
N ASP A 213 -15.29 33.88 28.21
CA ASP A 213 -15.63 32.62 27.56
C ASP A 213 -17.04 32.13 27.89
N GLY A 214 -17.83 32.91 28.63
CA GLY A 214 -19.18 32.52 28.95
C GLY A 214 -19.33 31.82 30.29
N VAL A 215 -18.90 32.48 31.36
CA VAL A 215 -19.03 31.93 32.70
C VAL A 215 -20.50 31.71 33.03
N PRO A 216 -20.90 30.55 33.55
CA PRO A 216 -22.29 30.37 33.97
C PRO A 216 -22.63 31.27 35.16
N CYS A 217 -23.90 31.64 35.26
CA CYS A 217 -24.35 32.57 36.28
C CYS A 217 -24.22 32.00 37.69
N SER A 218 -24.27 30.68 37.85
CA SER A 218 -24.26 30.07 39.18
C SER A 218 -22.92 30.19 39.90
N GLN A 219 -21.85 30.53 39.20
CA GLN A 219 -20.52 30.61 39.80
C GLN A 219 -20.16 32.01 40.28
N ASN A 220 -21.08 32.97 40.17
CA ASN A 220 -20.87 34.36 40.58
C ASN A 220 -19.66 34.95 39.87
N PRO A 221 -19.74 35.18 38.55
CA PRO A 221 -18.58 35.73 37.84
C PRO A 221 -18.34 37.19 38.17
N THR A 222 -19.40 37.92 38.52
CA THR A 222 -19.28 39.34 38.85
C THR A 222 -18.68 39.58 40.22
N GLU A 223 -18.54 38.55 41.04
CA GLU A 223 -17.93 38.68 42.35
C GLU A 223 -16.47 38.26 42.38
N ALA A 224 -16.06 37.35 41.49
CA ALA A 224 -14.66 36.97 41.42
C ALA A 224 -13.79 38.13 40.98
N ILE A 225 -14.27 38.93 40.02
CA ILE A 225 -13.52 40.10 39.56
C ILE A 225 -13.35 41.09 40.70
N GLU A 226 -14.43 41.35 41.44
CA GLU A 226 -14.37 42.31 42.54
C GLU A 226 -13.44 41.82 43.65
N ALA A 227 -13.49 40.53 43.96
CA ALA A 227 -12.61 39.98 44.99
C ALA A 227 -11.15 39.92 44.53
N TRP A 228 -10.91 39.81 43.22
CA TRP A 228 -9.54 39.71 42.73
C TRP A 228 -8.84 41.06 42.73
N ILE A 229 -9.55 42.14 42.37
CA ILE A 229 -8.93 43.46 42.24
C ILE A 229 -8.56 44.07 43.58
N ASN A 230 -8.99 43.46 44.69
CA ASN A 230 -8.66 43.97 46.02
C ASN A 230 -7.26 43.57 46.48
N PHE A 231 -6.46 42.96 45.60
CA PHE A 231 -5.11 42.55 46.00
C PHE A 231 -4.12 43.69 45.86
N ASN A 232 -4.21 44.47 44.80
CA ASN A 232 -3.27 45.55 44.52
C ASN A 232 -4.02 46.81 44.12
N LYS A 233 -5.03 47.18 44.93
CA LYS A 233 -5.87 48.34 44.64
C LYS A 233 -5.09 49.64 44.45
N GLU A 234 -3.80 49.67 44.82
CA GLU A 234 -3.00 50.86 44.59
C GLU A 234 -2.86 51.13 43.09
N GLU A 235 -2.68 50.08 42.29
CA GLU A 235 -2.52 50.23 40.84
C GLU A 235 -3.45 49.34 40.02
N ARG A 236 -4.07 48.32 40.61
CA ARG A 236 -4.90 47.39 39.85
C ARG A 236 -6.29 47.94 39.55
N GLU A 237 -6.65 49.08 40.14
CA GLU A 237 -7.98 49.64 39.91
C GLU A 237 -8.17 50.11 38.47
N ALA A 238 -7.09 50.39 37.74
CA ALA A 238 -7.21 50.83 36.35
C ALA A 238 -7.86 49.75 35.49
N PHE A 239 -7.50 48.49 35.70
CA PHE A 239 -8.05 47.39 34.92
C PHE A 239 -9.44 46.97 35.37
N ALA A 240 -9.92 47.49 36.51
CA ALA A 240 -11.22 47.05 37.03
C ALA A 240 -12.35 47.41 36.08
N GLU A 241 -12.32 48.62 35.52
CA GLU A 241 -13.41 49.04 34.63
C GLU A 241 -13.42 48.23 33.34
N SER A 242 -12.24 47.91 32.80
CA SER A 242 -12.18 47.16 31.56
C SER A 242 -12.66 45.72 31.73
N LEU A 243 -12.40 45.12 32.89
CA LEU A 243 -12.80 43.73 33.12
C LEU A 243 -14.30 43.56 33.12
N ARG A 244 -15.04 44.49 33.75
CA ARG A 244 -16.48 44.38 33.81
C ARG A 244 -17.15 44.59 32.46
N THR A 245 -16.44 45.18 31.49
CA THR A 245 -16.98 45.33 30.15
C THR A 245 -17.23 43.99 29.47
N SER A 246 -16.31 43.03 29.60
CA SER A 246 -16.43 41.70 28.99
C SER A 246 -16.72 40.70 30.09
N LEU A 247 -18.00 40.52 30.40
CA LEU A 247 -18.45 39.59 31.43
C LEU A 247 -19.65 38.79 30.91
N LYS A 248 -19.51 38.23 29.70
CA LYS A 248 -20.61 37.51 29.08
C LYS A 248 -21.00 36.30 29.93
N GLU A 249 -22.24 36.30 30.40
CA GLU A 249 -22.76 35.23 31.25
C GLU A 249 -23.79 34.42 30.47
N ILE A 250 -23.61 33.11 30.41
CA ILE A 250 -24.55 32.22 29.75
C ILE A 250 -25.47 31.62 30.81
N GLY A 251 -26.74 31.49 30.45
CA GLY A 251 -27.72 30.96 31.38
C GLY A 251 -27.46 29.51 31.73
N GLU A 252 -28.03 29.10 32.86
CA GLU A 252 -27.83 27.75 33.36
C GLU A 252 -28.68 26.75 32.58
N ASN A 253 -28.02 25.68 32.13
CA ASN A 253 -28.69 24.57 31.47
C ASN A 253 -28.91 23.44 32.45
N VAL A 254 -29.76 22.50 32.07
CA VAL A 254 -30.02 21.30 32.85
C VAL A 254 -29.24 20.14 32.23
N HIS A 255 -28.71 19.26 33.09
CA HIS A 255 -27.68 18.34 32.64
C HIS A 255 -28.27 17.06 32.07
N ILE A 256 -29.05 16.32 32.86
CA ILE A 256 -29.56 15.01 32.47
C ILE A 256 -31.06 15.11 32.31
N TYR A 257 -31.56 14.75 31.13
CA TYR A 257 -33.00 14.74 30.86
C TYR A 257 -33.51 13.31 31.06
N LEU A 258 -33.63 12.92 32.32
CA LEU A 258 -34.07 11.57 32.65
C LEU A 258 -35.57 11.47 32.37
N ILE A 259 -35.92 10.78 31.29
CA ILE A 259 -37.31 10.67 30.85
C ILE A 259 -37.84 9.34 31.37
N GLY A 260 -38.68 9.39 32.40
CA GLY A 260 -39.22 8.19 33.01
C GLY A 260 -40.41 7.62 32.30
N LYS A 261 -40.31 6.36 31.85
CA LYS A 261 -41.40 5.68 31.17
C LYS A 261 -42.10 4.75 32.15
N GLU A 262 -43.01 5.33 32.93
CA GLU A 262 -43.83 4.53 33.83
C GLU A 262 -44.85 3.72 33.05
N SER A 263 -45.04 2.46 33.45
CA SER A 263 -46.01 1.59 32.78
C SER A 263 -47.32 1.48 33.55
N SER A 264 -47.30 1.66 34.87
CA SER A 264 -48.53 1.62 35.65
C SER A 264 -49.46 2.75 35.26
N ARG A 265 -48.92 3.95 35.06
CA ARG A 265 -49.69 5.09 34.61
C ARG A 265 -49.20 5.51 33.23
N THR A 266 -50.13 5.73 32.31
CA THR A 266 -49.79 6.08 30.94
C THR A 266 -49.29 7.52 30.85
N HIS A 267 -48.03 7.75 31.20
CA HIS A 267 -47.44 9.07 31.17
C HIS A 267 -45.94 8.92 30.94
N SER A 268 -45.25 10.06 30.85
CA SER A 268 -43.80 10.08 30.66
C SER A 268 -43.26 11.31 31.39
N LEU A 269 -42.84 11.10 32.64
CA LEU A 269 -42.32 12.18 33.48
C LEU A 269 -40.92 12.51 33.01
N ALA A 270 -40.84 13.36 31.99
CA ALA A 270 -39.54 13.78 31.45
C ALA A 270 -38.86 14.76 32.40
N VAL A 271 -38.41 14.28 33.55
CA VAL A 271 -37.80 15.17 34.52
C VAL A 271 -36.44 15.65 34.02
N SER A 272 -35.93 16.70 34.66
CA SER A 272 -34.66 17.33 34.29
C SER A 272 -33.80 17.45 35.54
N LEU A 273 -32.95 16.46 35.76
CA LEU A 273 -32.05 16.50 36.91
C LEU A 273 -31.07 17.66 36.76
N HIS A 274 -30.72 18.27 37.89
CA HIS A 274 -29.83 19.42 37.91
C HIS A 274 -28.77 19.18 38.97
N CYS A 275 -27.54 18.91 38.53
CA CYS A 275 -26.45 18.67 39.47
C CYS A 275 -26.10 19.95 40.22
N ALA A 276 -25.84 19.81 41.53
CA ALA A 276 -25.49 20.94 42.35
C ALA A 276 -23.98 21.11 42.38
N GLU A 277 -23.52 22.09 43.17
CA GLU A 277 -22.08 22.36 43.27
C GLU A 277 -21.35 21.24 43.99
N ASP A 278 -22.00 20.59 44.96
CA ASP A 278 -21.39 19.53 45.75
C ASP A 278 -21.79 18.14 45.26
N ASP A 279 -21.99 17.99 43.96
CA ASP A 279 -22.35 16.70 43.34
C ASP A 279 -23.62 16.13 43.95
N SER A 280 -24.71 16.88 43.78
CA SER A 280 -26.03 16.46 44.23
C SER A 280 -27.03 16.76 43.13
N ILE A 281 -27.85 15.76 42.78
CA ILE A 281 -28.82 15.92 41.70
C ILE A 281 -30.18 16.28 42.27
N SER A 282 -30.82 17.29 41.67
CA SER A 282 -32.13 17.74 42.09
C SER A 282 -33.03 17.92 40.87
N VAL A 283 -34.31 17.63 41.05
CA VAL A 283 -35.27 17.69 39.96
C VAL A 283 -35.68 19.14 39.72
N SER A 284 -35.90 19.49 38.45
CA SER A 284 -36.26 20.86 38.07
C SER A 284 -37.31 20.85 36.96
N GLY A 285 -38.31 19.97 37.10
CA GLY A 285 -39.42 19.95 36.17
C GLY A 285 -40.03 18.59 35.99
N GLN A 286 -41.37 18.51 35.99
CA GLN A 286 -42.09 17.25 35.86
C GLN A 286 -43.01 17.30 34.64
N ASN A 287 -42.47 17.71 33.50
CA ASN A 287 -43.25 17.73 32.27
C ASN A 287 -43.66 16.32 31.86
N SER A 288 -44.85 16.19 31.27
CA SER A 288 -45.43 14.90 30.97
C SER A 288 -46.01 14.86 29.56
N LEU A 289 -46.11 13.65 29.02
CA LEU A 289 -46.76 13.40 27.75
C LEU A 289 -47.56 12.11 27.83
N CYS A 290 -48.56 11.99 26.95
CA CYS A 290 -49.44 10.82 26.96
C CYS A 290 -49.03 9.78 25.93
N HIS A 291 -48.51 10.20 24.78
CA HIS A 291 -48.14 9.26 23.73
C HIS A 291 -46.92 8.44 24.13
N GLN A 292 -46.79 7.27 23.52
CA GLN A 292 -45.66 6.40 23.81
C GLN A 292 -44.37 7.01 23.26
N ILE A 293 -43.24 6.51 23.77
CA ILE A 293 -41.92 7.02 23.43
C ILE A 293 -41.15 5.93 22.72
N THR A 294 -40.56 6.27 21.56
CA THR A 294 -39.75 5.34 20.79
C THR A 294 -38.26 5.61 20.94
N ALA A 295 -37.84 6.86 20.79
CA ALA A 295 -36.45 7.24 21.00
C ALA A 295 -36.40 8.70 21.42
N ALA A 296 -35.33 9.05 22.13
CA ALA A 296 -35.19 10.40 22.65
C ALA A 296 -33.75 10.88 22.45
N CYS A 297 -33.60 12.19 22.32
CA CYS A 297 -32.30 12.80 22.17
C CYS A 297 -32.37 14.24 22.64
N LYS A 298 -31.29 14.72 23.25
CA LYS A 298 -31.20 16.10 23.73
C LYS A 298 -30.16 16.82 22.88
N HIS A 299 -30.48 18.05 22.48
CA HIS A 299 -29.63 18.85 21.60
C HIS A 299 -29.39 20.20 22.28
N GLY A 300 -28.27 20.31 22.99
CA GLY A 300 -27.95 21.53 23.70
C GLY A 300 -28.63 21.63 25.05
N GLY A 301 -29.92 21.95 25.05
CA GLY A 301 -30.66 22.02 26.29
C GLY A 301 -32.11 21.61 26.17
N ASP A 302 -32.51 21.10 25.01
CA ASP A 302 -33.90 20.76 24.75
C ASP A 302 -34.04 19.30 24.33
N LEU A 303 -35.12 18.67 24.77
CA LEU A 303 -35.46 17.33 24.31
C LEU A 303 -35.95 17.37 22.86
N TYR A 304 -35.81 16.24 22.18
CA TYR A 304 -36.37 16.06 20.85
C TYR A 304 -36.99 14.67 20.75
N VAL A 305 -37.83 14.33 21.73
CA VAL A 305 -38.35 12.98 21.84
C VAL A 305 -39.16 12.60 20.60
N VAL A 306 -39.17 11.30 20.30
CA VAL A 306 -39.84 10.76 19.12
C VAL A 306 -40.79 9.67 19.59
N GLY A 307 -42.05 9.76 19.17
CA GLY A 307 -43.02 8.76 19.59
C GLY A 307 -44.40 9.09 19.07
N GLY A 308 -45.37 8.32 19.55
CA GLY A 308 -46.76 8.46 19.15
C GLY A 308 -47.14 7.44 18.09
N SER A 309 -48.44 7.42 17.79
CA SER A 309 -48.95 6.55 16.76
C SER A 309 -48.50 7.05 15.38
N ILE A 310 -48.66 6.19 14.39
CA ILE A 310 -48.24 6.54 13.02
C ILE A 310 -49.08 7.71 12.52
N PRO A 311 -48.50 8.67 11.80
CA PRO A 311 -47.09 8.77 11.39
C PRO A 311 -46.19 9.18 12.55
N ARG A 312 -44.91 8.82 12.51
CA ARG A 312 -44.00 9.07 13.62
C ARG A 312 -43.81 10.57 13.86
N ARG A 313 -44.34 11.06 14.99
CA ARG A 313 -44.34 12.48 15.31
C ARG A 313 -43.07 12.86 16.05
N MET A 314 -42.91 14.16 16.29
CA MET A 314 -41.85 14.69 17.14
C MET A 314 -42.41 15.79 18.03
N TRP A 315 -42.06 15.74 19.31
CA TRP A 315 -42.40 16.78 20.27
C TRP A 315 -41.11 17.31 20.88
N LYS A 316 -40.95 18.63 20.90
CA LYS A 316 -39.78 19.27 21.47
C LYS A 316 -40.17 19.99 22.76
N CYS A 317 -39.41 19.73 23.81
CA CYS A 317 -39.66 20.30 25.14
C CYS A 317 -38.52 21.23 25.53
N ASN A 318 -38.64 21.80 26.72
CA ASN A 318 -37.61 22.69 27.25
C ASN A 318 -37.75 22.74 28.76
N ASN A 319 -36.67 23.16 29.43
CA ASN A 319 -36.68 23.26 30.89
C ASN A 319 -37.61 24.36 31.35
N ALA A 320 -37.57 25.52 30.70
CA ALA A 320 -38.38 26.67 31.12
C ALA A 320 -39.74 26.74 30.43
N THR A 321 -39.87 26.19 29.22
CA THR A 321 -41.15 26.24 28.52
C THR A 321 -42.22 25.42 29.24
N VAL A 322 -41.87 24.21 29.67
CA VAL A 322 -42.79 23.29 30.35
C VAL A 322 -44.04 23.12 29.48
N ASP A 323 -43.84 22.98 28.18
CA ASP A 323 -44.94 22.79 27.24
C ASP A 323 -44.37 22.24 25.94
N TRP A 324 -44.91 21.11 25.49
CA TRP A 324 -44.37 20.44 24.32
C TRP A 324 -44.73 21.19 23.04
N GLU A 325 -43.75 21.38 22.18
CA GLU A 325 -43.96 22.02 20.88
C GLU A 325 -44.12 20.94 19.81
N TRP A 326 -44.15 21.35 18.55
CA TRP A 326 -44.30 20.43 17.44
C TRP A 326 -43.26 20.77 16.37
N CYS A 327 -42.71 19.72 15.76
CA CYS A 327 -41.64 19.88 14.78
C CYS A 327 -41.98 19.04 13.56
N ALA A 328 -41.09 19.09 12.56
CA ALA A 328 -41.36 18.46 11.28
C ALA A 328 -41.54 16.95 11.44
N PRO A 329 -42.55 16.34 10.83
CA PRO A 329 -42.78 14.91 11.01
C PRO A 329 -41.62 14.08 10.46
N LEU A 330 -41.43 12.90 11.05
CA LEU A 330 -40.34 12.01 10.66
C LEU A 330 -40.70 11.26 9.38
N PRO A 331 -39.93 11.42 8.31
CA PRO A 331 -40.06 10.52 7.16
C PRO A 331 -39.49 9.15 7.49
N ARG A 332 -39.98 8.14 6.76
CA ARG A 332 -39.53 6.76 6.92
C ARG A 332 -39.73 6.29 8.35
N ASP A 333 -41.01 6.21 8.75
CA ASP A 333 -41.34 5.87 10.13
C ASP A 333 -40.80 4.49 10.50
N ARG A 334 -40.14 4.42 11.66
CA ARG A 334 -39.57 3.19 12.16
C ARG A 334 -39.32 3.33 13.64
N LEU A 335 -39.08 2.19 14.29
CA LEU A 335 -38.85 2.15 15.73
C LEU A 335 -37.43 1.70 16.03
N GLN A 336 -37.01 1.92 17.28
CA GLN A 336 -35.68 1.59 17.78
C GLN A 336 -34.60 2.32 16.97
N HIS A 337 -34.66 3.64 17.07
CA HIS A 337 -33.71 4.51 16.39
C HIS A 337 -32.37 4.50 17.14
N THR A 338 -31.45 5.36 16.70
CA THR A 338 -30.18 5.56 17.36
C THR A 338 -29.84 7.06 17.35
N LEU A 339 -30.81 7.88 17.76
CA LEU A 339 -30.69 9.33 17.65
C LEU A 339 -29.45 9.84 18.37
N VAL A 340 -28.70 10.69 17.68
CA VAL A 340 -27.54 11.38 18.26
C VAL A 340 -27.70 12.88 17.98
N SER A 341 -26.89 13.71 18.69
CA SER A 341 -26.96 15.20 18.57
C SER A 341 -25.58 15.87 18.65
N VAL A 342 -25.22 16.84 17.76
CA VAL A 342 -23.84 17.45 17.74
C VAL A 342 -23.90 18.97 17.83
N PRO A 343 -22.99 19.66 18.58
CA PRO A 343 -22.88 21.14 18.58
C PRO A 343 -21.95 21.57 17.43
N GLY A 344 -21.07 20.68 16.95
CA GLY A 344 -20.22 20.99 15.80
C GLY A 344 -21.09 20.85 14.55
N LYS A 345 -22.40 20.53 14.70
CA LYS A 345 -23.36 20.37 13.57
C LYS A 345 -24.81 20.48 14.07
N ASP A 346 -25.52 21.60 13.89
CA ASP A 346 -26.90 21.84 14.31
C ASP A 346 -27.84 20.82 13.69
N ALA A 347 -27.47 19.55 13.82
CA ALA A 347 -28.20 18.45 13.20
C ALA A 347 -28.51 17.38 14.22
N ILE A 348 -29.56 16.61 13.94
CA ILE A 348 -29.99 15.47 14.77
C ILE A 348 -30.15 14.29 13.82
N TYR A 349 -29.22 13.33 13.88
CA TYR A 349 -29.24 12.20 12.97
C TYR A 349 -30.15 11.09 13.49
N SER A 350 -30.51 10.17 12.60
CA SER A 350 -31.44 9.09 12.90
C SER A 350 -30.92 7.77 12.33
N LEU A 351 -29.65 7.47 12.58
CA LEU A 351 -29.03 6.29 12.00
C LEU A 351 -29.71 5.00 12.48
N GLY A 352 -29.69 4.00 11.60
CA GLY A 352 -30.16 2.69 11.94
C GLY A 352 -31.68 2.62 12.15
N GLY A 353 -32.08 1.55 12.81
CA GLY A 353 -33.48 1.32 13.14
C GLY A 353 -34.11 0.25 12.26
N LYS A 354 -35.16 -0.36 12.79
CA LYS A 354 -35.91 -1.39 12.09
C LYS A 354 -37.33 -0.90 11.84
N THR A 355 -37.88 -1.27 10.68
CA THR A 355 -39.22 -0.85 10.32
C THR A 355 -40.27 -1.62 11.13
N LEU A 356 -41.55 -1.29 10.88
CA LEU A 356 -42.63 -1.95 11.61
C LEU A 356 -42.75 -3.42 11.23
N GLN A 357 -42.30 -3.79 10.03
CA GLN A 357 -42.36 -5.17 9.55
C GLN A 357 -41.14 -5.98 9.94
N ASP A 358 -40.42 -5.57 10.98
CA ASP A 358 -39.26 -6.29 11.51
C ASP A 358 -38.19 -6.50 10.42
N THR A 359 -37.89 -5.43 9.69
CA THR A 359 -36.84 -5.42 8.69
C THR A 359 -35.80 -4.39 9.09
N LEU A 360 -34.55 -4.83 9.22
CA LEU A 360 -33.46 -3.95 9.64
C LEU A 360 -33.06 -3.07 8.47
N SER A 361 -33.48 -1.82 8.49
CA SER A 361 -33.17 -0.86 7.45
C SER A 361 -31.98 0.00 7.85
N ASN A 362 -31.44 0.72 6.87
CA ASN A 362 -30.30 1.61 7.09
C ASN A 362 -30.51 2.87 6.24
N ALA A 363 -31.05 3.90 6.87
CA ALA A 363 -31.32 5.17 6.19
C ALA A 363 -30.95 6.31 7.13
N VAL A 364 -29.75 6.84 6.98
CA VAL A 364 -29.28 7.94 7.82
C VAL A 364 -29.99 9.22 7.39
N ILE A 365 -30.56 9.93 8.37
CA ILE A 365 -31.29 11.14 8.10
C ILE A 365 -30.50 12.33 8.63
N TYR A 366 -30.87 13.53 8.18
CA TYR A 366 -30.07 14.74 8.38
C TYR A 366 -30.96 15.89 8.83
N TYR A 367 -31.74 15.68 9.89
CA TYR A 367 -32.59 16.75 10.42
C TYR A 367 -31.75 17.95 10.82
N ARG A 368 -32.32 19.15 10.63
CA ARG A 368 -31.69 20.39 11.03
C ARG A 368 -32.64 21.16 11.94
N VAL A 369 -32.08 21.83 12.95
CA VAL A 369 -32.90 22.57 13.90
C VAL A 369 -33.26 23.95 13.35
N GLY A 370 -32.33 24.58 12.63
CA GLY A 370 -32.60 25.90 12.08
C GLY A 370 -33.75 25.89 11.08
N ASP A 371 -33.77 24.89 10.20
CA ASP A 371 -34.85 24.72 9.24
C ASP A 371 -35.50 23.37 9.49
N ASN A 372 -36.80 23.38 9.82
CA ASN A 372 -37.52 22.16 10.18
C ASN A 372 -37.86 21.38 8.92
N VAL A 373 -36.80 20.84 8.30
CA VAL A 373 -36.91 20.08 7.07
C VAL A 373 -35.97 18.87 7.16
N TRP A 374 -36.44 17.73 6.68
CA TRP A 374 -35.65 16.51 6.63
C TRP A 374 -35.07 16.28 5.24
N THR A 375 -33.93 15.62 5.21
CA THR A 375 -33.26 15.23 3.98
C THR A 375 -32.86 13.77 4.12
N GLU A 376 -31.99 13.31 3.22
CA GLU A 376 -31.42 11.97 3.34
C GLU A 376 -29.97 12.02 2.92
N THR A 377 -29.15 11.14 3.49
CA THR A 377 -27.73 11.14 3.24
C THR A 377 -27.28 9.70 3.03
N THR A 378 -25.96 9.49 2.97
CA THR A 378 -25.40 8.18 2.64
C THR A 378 -25.81 7.14 3.68
N GLN A 379 -26.23 5.98 3.19
CA GLN A 379 -26.69 4.89 4.04
C GLN A 379 -25.52 4.18 4.71
N LEU A 380 -25.84 3.44 5.77
CA LEU A 380 -24.84 2.65 6.47
C LEU A 380 -24.46 1.42 5.66
N GLU A 381 -23.25 0.92 5.90
CA GLU A 381 -22.83 -0.32 5.24
C GLU A 381 -23.61 -1.52 5.77
N VAL A 382 -23.79 -1.59 7.08
CA VAL A 382 -24.52 -2.68 7.71
C VAL A 382 -25.63 -2.09 8.57
N ALA A 383 -26.86 -2.56 8.37
CA ALA A 383 -28.00 -2.06 9.11
C ALA A 383 -28.01 -2.63 10.53
N VAL A 384 -28.20 -1.77 11.51
CA VAL A 384 -28.28 -2.16 12.91
C VAL A 384 -29.51 -1.53 13.54
N SER A 385 -30.00 -2.16 14.60
CA SER A 385 -31.16 -1.68 15.34
C SER A 385 -30.87 -1.73 16.83
N GLY A 386 -31.36 -0.72 17.55
CA GLY A 386 -31.11 -0.65 18.99
C GLY A 386 -29.65 -0.49 19.35
N ALA A 387 -28.93 0.34 18.60
CA ALA A 387 -27.50 0.53 18.82
C ALA A 387 -27.29 1.56 19.93
N ALA A 388 -26.05 2.03 20.08
CA ALA A 388 -25.69 3.05 21.05
C ALA A 388 -25.23 4.30 20.31
N GLY A 389 -25.73 5.45 20.72
CA GLY A 389 -25.39 6.69 20.06
C GLY A 389 -24.29 7.48 20.73
N ALA A 390 -23.10 7.47 20.12
CA ALA A 390 -21.95 8.22 20.63
C ALA A 390 -21.51 9.23 19.59
N ASN A 391 -21.24 10.46 20.03
CA ASN A 391 -20.93 11.57 19.14
C ASN A 391 -19.55 12.14 19.47
N LEU A 392 -18.56 11.27 19.63
CA LEU A 392 -17.21 11.72 19.95
C LEU A 392 -16.66 12.55 18.80
N ASN A 393 -16.11 13.72 19.14
CA ASN A 393 -15.53 14.66 18.17
C ASN A 393 -16.63 15.05 17.18
N GLY A 394 -16.42 14.94 15.87
CA GLY A 394 -17.46 15.22 14.91
C GLY A 394 -17.86 13.98 14.13
N ILE A 395 -17.48 12.81 14.65
CA ILE A 395 -17.75 11.53 14.00
C ILE A 395 -18.77 10.77 14.83
N ILE A 396 -19.83 10.31 14.19
CA ILE A 396 -20.91 9.59 14.86
C ILE A 396 -20.54 8.13 14.93
N TYR A 397 -20.50 7.58 16.15
CA TYR A 397 -20.14 6.19 16.38
C TYR A 397 -21.37 5.38 16.73
N LEU A 398 -21.55 4.26 16.06
CA LEU A 398 -22.62 3.31 16.35
C LEU A 398 -22.01 2.08 17.00
N LEU A 399 -22.37 1.82 18.25
CA LEU A 399 -21.83 0.71 19.01
C LEU A 399 -22.91 -0.31 19.29
N GLY A 400 -22.57 -1.59 19.14
CA GLY A 400 -23.51 -2.64 19.47
C GLY A 400 -24.69 -2.70 18.51
N GLY A 401 -25.76 -3.30 19.00
CA GLY A 401 -26.98 -3.47 18.23
C GLY A 401 -27.21 -4.93 17.87
N GLU A 402 -28.17 -5.14 16.97
CA GLU A 402 -28.54 -6.46 16.52
C GLU A 402 -28.52 -6.50 14.99
N GLU A 403 -28.23 -7.68 14.46
CA GLU A 403 -28.13 -7.85 13.01
C GLU A 403 -28.31 -9.32 12.68
N ASN A 404 -29.09 -9.60 11.64
CA ASN A 404 -29.34 -10.97 11.20
C ASN A 404 -28.30 -11.39 10.17
N ASP A 405 -27.59 -12.47 10.45
CA ASP A 405 -26.47 -12.85 9.58
C ASP A 405 -26.97 -13.61 8.35
N LEU A 406 -27.51 -14.81 8.53
CA LEU A 406 -28.01 -15.54 7.38
C LEU A 406 -29.42 -16.08 7.57
N ASP A 407 -29.75 -16.61 8.74
CA ASP A 407 -31.01 -17.32 8.94
C ASP A 407 -32.10 -16.43 9.51
N PHE A 408 -32.27 -15.23 8.93
CA PHE A 408 -33.42 -14.36 9.20
C PHE A 408 -33.56 -14.01 10.68
N PHE A 409 -32.58 -14.42 11.49
CA PHE A 409 -32.68 -14.31 12.94
C PHE A 409 -31.74 -13.22 13.44
N THR A 410 -32.29 -12.31 14.24
CA THR A 410 -31.50 -11.20 14.78
C THR A 410 -30.54 -11.72 15.83
N LYS A 411 -29.25 -11.77 15.49
CA LYS A 411 -28.21 -12.18 16.41
C LYS A 411 -27.52 -10.96 16.97
N PRO A 412 -27.34 -10.86 18.30
CA PRO A 412 -26.66 -9.70 18.87
C PRO A 412 -25.26 -9.51 18.31
N SER A 413 -25.04 -8.42 17.60
CA SER A 413 -23.78 -8.17 16.92
C SER A 413 -22.93 -7.17 17.69
N ARG A 414 -21.64 -7.13 17.34
CA ARG A 414 -20.67 -6.21 17.94
C ARG A 414 -19.90 -5.54 16.81
N LEU A 415 -20.45 -4.43 16.30
CA LEU A 415 -19.85 -3.70 15.20
C LEU A 415 -19.72 -2.22 15.58
N ILE A 416 -18.60 -1.63 15.22
CA ILE A 416 -18.30 -0.23 15.54
C ILE A 416 -18.26 0.52 14.23
N GLN A 417 -19.37 1.15 13.86
CA GLN A 417 -19.44 1.95 12.65
C GLN A 417 -19.09 3.41 12.97
N CYS A 418 -18.48 4.08 12.00
CA CYS A 418 -17.90 5.40 12.19
C CYS A 418 -18.44 6.37 11.15
N PHE A 419 -19.76 6.42 11.01
CA PHE A 419 -20.38 7.36 10.07
C PHE A 419 -19.97 8.79 10.41
N ASP A 420 -19.50 9.52 9.40
CA ASP A 420 -18.98 10.86 9.58
C ASP A 420 -20.08 11.90 9.40
N THR A 421 -19.73 13.17 9.61
CA THR A 421 -20.65 14.28 9.41
C THR A 421 -20.15 15.31 8.41
N GLU A 422 -18.86 15.30 8.05
CA GLU A 422 -18.33 16.22 7.05
C GLU A 422 -18.33 15.60 5.66
N THR A 423 -17.65 14.47 5.50
CA THR A 423 -17.69 13.67 4.27
C THR A 423 -18.44 12.40 4.61
N ASP A 424 -19.74 12.38 4.34
CA ASP A 424 -20.63 11.32 4.82
C ASP A 424 -20.23 9.99 4.19
N LYS A 425 -19.64 9.11 5.01
CA LYS A 425 -19.18 7.80 4.56
C LYS A 425 -19.05 6.90 5.78
N CYS A 426 -19.24 5.60 5.56
CA CYS A 426 -19.16 4.62 6.62
C CYS A 426 -17.78 3.98 6.62
N HIS A 427 -17.19 3.84 7.81
CA HIS A 427 -15.79 3.42 7.98
C HIS A 427 -15.69 2.34 9.05
N VAL A 428 -16.48 1.27 8.91
CA VAL A 428 -16.51 0.20 9.90
C VAL A 428 -15.10 -0.22 10.29
N LYS A 429 -14.82 -0.19 11.59
CA LYS A 429 -13.50 -0.51 12.11
C LYS A 429 -13.23 -2.01 11.98
N PRO A 430 -11.96 -2.39 11.74
CA PRO A 430 -11.57 -3.80 11.63
C PRO A 430 -11.33 -4.48 12.97
N TYR A 431 -12.23 -4.26 13.93
CA TYR A 431 -12.18 -4.95 15.21
C TYR A 431 -13.56 -4.89 15.85
N VAL A 432 -13.77 -5.75 16.83
CA VAL A 432 -15.08 -5.92 17.46
C VAL A 432 -14.99 -5.57 18.93
N LEU A 433 -16.15 -5.28 19.52
CA LEU A 433 -16.23 -4.95 20.92
C LEU A 433 -16.05 -6.20 21.78
N PRO A 434 -15.63 -6.04 23.04
CA PRO A 434 -15.54 -7.20 23.94
C PRO A 434 -16.85 -7.92 24.15
N PHE A 435 -17.98 -7.21 24.10
CA PHE A 435 -19.30 -7.82 24.28
C PHE A 435 -20.24 -7.34 23.18
N ALA A 436 -21.52 -7.69 23.33
CA ALA A 436 -22.55 -7.30 22.37
C ALA A 436 -23.89 -7.30 23.08
N GLY A 437 -24.87 -6.64 22.46
CA GLY A 437 -26.19 -6.58 23.04
C GLY A 437 -26.90 -5.25 22.84
N ARG A 438 -27.31 -4.62 23.93
CA ARG A 438 -28.06 -3.37 23.88
C ARG A 438 -27.30 -2.34 24.71
N MET A 439 -26.01 -2.19 24.42
CA MET A 439 -25.16 -1.29 25.18
C MET A 439 -25.61 0.15 25.03
N HIS A 440 -25.35 0.95 26.08
CA HIS A 440 -25.65 2.37 26.10
C HIS A 440 -24.35 3.12 26.32
N ALA A 441 -24.06 4.08 25.45
CA ALA A 441 -22.80 4.81 25.47
C ALA A 441 -22.97 6.20 26.08
N ALA A 442 -21.85 6.76 26.53
CA ALA A 442 -21.84 8.07 27.14
C ALA A 442 -20.46 8.68 26.95
N VAL A 443 -20.38 9.72 26.12
CA VAL A 443 -19.09 10.34 25.80
C VAL A 443 -18.56 11.07 27.03
N HIS A 444 -17.27 10.86 27.32
CA HIS A 444 -16.60 11.54 28.42
C HIS A 444 -15.22 11.94 27.93
N LYS A 445 -14.98 13.25 27.84
CA LYS A 445 -13.74 13.79 27.28
C LYS A 445 -13.46 13.19 25.90
N ASP A 446 -12.26 12.66 25.70
CA ASP A 446 -11.93 12.00 24.44
C ASP A 446 -12.41 10.55 24.39
N LEU A 447 -12.73 9.96 25.54
CA LEU A 447 -13.10 8.55 25.59
C LEU A 447 -14.60 8.37 25.37
N VAL A 448 -15.01 7.13 25.14
CA VAL A 448 -16.41 6.77 24.92
C VAL A 448 -16.71 5.59 25.83
N PHE A 449 -17.29 5.86 27.00
CA PHE A 449 -17.64 4.81 27.94
C PHE A 449 -18.81 3.99 27.41
N ILE A 450 -18.79 2.69 27.69
CA ILE A 450 -19.81 1.75 27.24
C ILE A 450 -20.24 0.89 28.41
N VAL A 451 -21.54 0.62 28.51
CA VAL A 451 -22.09 -0.26 29.53
C VAL A 451 -22.92 -1.34 28.86
N ALA A 452 -22.58 -2.60 29.14
CA ALA A 452 -23.21 -3.74 28.50
C ALA A 452 -24.40 -4.23 29.33
N GLU A 453 -24.89 -5.43 29.01
CA GLU A 453 -25.98 -6.07 29.74
C GLU A 453 -25.45 -6.67 31.05
N GLY A 454 -24.93 -5.80 31.90
CA GLY A 454 -24.33 -6.22 33.16
C GLY A 454 -23.42 -5.13 33.68
N ASP A 455 -22.37 -5.56 34.39
CA ASP A 455 -21.37 -4.66 34.94
C ASP A 455 -20.04 -4.97 34.24
N SER A 456 -19.85 -4.36 33.08
CA SER A 456 -18.64 -4.56 32.28
C SER A 456 -18.22 -3.25 31.63
N LEU A 457 -18.22 -2.16 32.43
CA LEU A 457 -17.98 -0.82 31.91
C LEU A 457 -16.63 -0.71 31.21
N VAL A 458 -16.65 -0.47 29.90
CA VAL A 458 -15.45 -0.36 29.11
C VAL A 458 -15.13 1.11 28.91
N CYS A 459 -13.89 1.41 28.54
CA CYS A 459 -13.38 2.77 28.36
C CYS A 459 -12.80 2.94 26.98
N TYR A 460 -13.57 2.54 25.97
CA TYR A 460 -13.11 2.51 24.59
C TYR A 460 -12.61 3.88 24.13
N ASN A 461 -11.46 3.87 23.45
CA ASN A 461 -10.85 5.07 22.90
C ASN A 461 -10.90 5.02 21.38
N PRO A 462 -11.53 5.98 20.70
CA PRO A 462 -11.63 5.90 19.24
C PRO A 462 -10.33 6.19 18.51
N LEU A 463 -9.36 6.83 19.15
CA LEU A 463 -8.12 7.21 18.47
C LEU A 463 -7.04 6.14 18.61
N LEU A 464 -6.86 5.62 19.82
CA LEU A 464 -5.88 4.56 20.05
C LEU A 464 -6.41 3.18 19.74
N ASP A 465 -7.73 3.03 19.59
CA ASP A 465 -8.38 1.74 19.34
C ASP A 465 -7.97 0.70 20.39
N SER A 466 -8.35 0.98 21.65
CA SER A 466 -8.05 0.05 22.72
C SER A 466 -9.19 0.06 23.73
N PHE A 467 -9.38 -1.06 24.40
CA PHE A 467 -10.41 -1.24 25.41
C PHE A 467 -9.77 -1.59 26.74
N THR A 468 -10.21 -0.89 27.79
CA THR A 468 -9.57 -0.95 29.10
C THR A 468 -10.62 -1.21 30.18
N ARG A 469 -11.46 -2.22 29.97
CA ARG A 469 -12.62 -2.47 30.81
C ARG A 469 -12.28 -2.48 32.30
N LEU A 470 -12.78 -1.48 33.02
CA LEU A 470 -12.56 -1.38 34.46
C LEU A 470 -13.79 -1.94 35.19
N CYS A 471 -13.93 -3.26 35.09
CA CYS A 471 -15.07 -3.95 35.66
C CYS A 471 -15.16 -3.71 37.17
N LEU A 472 -16.35 -3.35 37.64
CA LEU A 472 -16.57 -3.12 39.04
C LEU A 472 -16.67 -4.45 39.80
N PRO A 473 -16.46 -4.44 41.11
CA PRO A 473 -16.62 -5.67 41.88
C PRO A 473 -18.02 -6.25 41.73
N GLU A 474 -18.10 -7.57 41.65
CA GLU A 474 -19.36 -8.27 41.42
C GLU A 474 -20.22 -8.38 42.66
N ALA A 475 -19.90 -7.65 43.74
CA ALA A 475 -20.73 -7.70 44.93
C ALA A 475 -22.12 -7.12 44.66
N TRP A 476 -22.19 -6.01 43.95
CA TRP A 476 -23.47 -5.38 43.61
C TRP A 476 -23.93 -5.82 42.22
N SER A 477 -24.09 -7.13 42.07
CA SER A 477 -24.57 -7.74 40.83
C SER A 477 -25.61 -8.79 41.14
N SER A 478 -26.58 -8.43 42.00
CA SER A 478 -27.59 -9.38 42.41
C SER A 478 -28.48 -9.81 41.25
N ALA A 479 -28.86 -8.86 40.39
CA ALA A 479 -29.76 -9.15 39.28
C ALA A 479 -29.17 -8.60 37.98
N PRO A 480 -29.49 -9.24 36.85
CA PRO A 480 -29.01 -8.73 35.54
C PRO A 480 -29.81 -7.52 35.07
N SER A 481 -29.67 -6.41 35.79
CA SER A 481 -30.37 -5.18 35.49
C SER A 481 -29.49 -4.26 34.68
N LEU A 482 -30.05 -3.69 33.60
CA LEU A 482 -29.29 -2.80 32.75
C LEU A 482 -28.88 -1.54 33.51
N TRP A 483 -27.69 -1.04 33.22
CA TRP A 483 -27.17 0.16 33.84
C TRP A 483 -27.15 1.29 32.81
N LYS A 484 -27.99 2.30 33.03
CA LYS A 484 -27.95 3.50 32.22
C LYS A 484 -26.80 4.39 32.69
N ILE A 485 -26.11 5.01 31.74
CA ILE A 485 -24.93 5.81 32.02
C ILE A 485 -25.10 7.19 31.40
N ALA A 486 -24.80 8.22 32.18
CA ALA A 486 -24.90 9.60 31.72
C ALA A 486 -23.68 10.38 32.20
N SER A 487 -23.17 11.26 31.35
CA SER A 487 -22.00 12.07 31.65
C SER A 487 -22.41 13.54 31.76
N CYS A 488 -22.07 14.16 32.89
CA CYS A 488 -22.37 15.57 33.11
C CYS A 488 -21.38 16.14 34.11
N ASN A 489 -20.96 17.38 33.86
CA ASN A 489 -20.04 18.11 34.74
C ASN A 489 -18.74 17.34 34.97
N GLY A 490 -18.23 16.69 33.93
CA GLY A 490 -16.95 16.00 34.01
C GLY A 490 -16.91 14.86 35.01
N SER A 491 -18.03 14.16 35.19
CA SER A 491 -18.07 12.99 36.08
C SER A 491 -19.31 12.19 35.72
N ILE A 492 -19.10 10.97 35.21
CA ILE A 492 -20.24 10.18 34.72
C ILE A 492 -21.03 9.64 35.90
N TYR A 493 -22.34 9.59 35.75
CA TYR A 493 -23.27 9.10 36.76
C TYR A 493 -23.95 7.86 36.21
N VAL A 494 -23.37 6.69 36.48
CA VAL A 494 -23.99 5.44 36.04
C VAL A 494 -25.27 5.23 36.86
N PHE A 495 -26.42 5.24 36.16
CA PHE A 495 -27.70 5.16 36.83
C PHE A 495 -28.11 3.70 37.03
N ARG A 496 -29.29 3.50 37.57
CA ARG A 496 -29.80 2.16 37.85
C ARG A 496 -31.26 2.08 37.43
N ASP A 497 -31.66 0.89 36.98
CA ASP A 497 -33.05 0.62 36.64
C ASP A 497 -33.84 0.36 37.92
N ARG A 498 -35.04 -0.20 37.76
CA ARG A 498 -35.93 -0.52 38.88
C ARG A 498 -35.19 -1.30 39.96
N TYR A 499 -35.24 -0.78 41.19
CA TYR A 499 -34.57 -1.39 42.32
C TYR A 499 -35.55 -2.20 43.15
N LYS A 500 -35.02 -3.22 43.84
CA LYS A 500 -35.84 -4.15 44.61
C LYS A 500 -36.25 -3.49 45.93
N LYS A 501 -37.26 -2.62 45.84
CA LYS A 501 -37.89 -2.00 47.01
C LYS A 501 -36.86 -1.22 47.84
N GLY A 502 -36.32 -0.19 47.21
CA GLY A 502 -35.35 0.65 47.88
C GLY A 502 -35.07 1.95 47.15
N ASP A 503 -33.82 2.42 47.21
CA ASP A 503 -33.41 3.67 46.59
C ASP A 503 -32.65 3.39 45.30
N ALA A 504 -32.86 4.23 44.30
CA ALA A 504 -32.16 4.09 43.03
C ALA A 504 -30.65 4.25 43.24
N ASN A 505 -29.89 3.38 42.60
CA ASN A 505 -28.43 3.36 42.78
C ASN A 505 -27.78 4.33 41.79
N THR A 506 -28.04 5.62 42.02
CA THR A 506 -27.47 6.67 41.19
C THR A 506 -26.00 6.86 41.54
N TYR A 507 -25.16 5.93 41.12
CA TYR A 507 -23.75 5.97 41.48
C TYR A 507 -23.03 7.12 40.79
N LYS A 508 -21.84 7.43 41.30
CA LYS A 508 -21.00 8.54 40.82
C LYS A 508 -19.59 8.04 40.53
N LEU A 509 -19.48 6.96 39.76
CA LEU A 509 -18.21 6.32 39.49
C LEU A 509 -17.16 7.33 39.03
N ASP A 510 -16.01 7.31 39.69
CA ASP A 510 -14.90 8.19 39.33
C ASP A 510 -13.94 7.42 38.44
N PRO A 511 -13.81 7.77 37.16
CA PRO A 511 -12.97 6.97 36.26
C PRO A 511 -11.50 6.93 36.65
N ALA A 512 -10.99 7.99 37.28
CA ALA A 512 -9.56 8.02 37.62
C ALA A 512 -9.21 6.97 38.67
N THR A 513 -10.07 6.80 39.68
CA THR A 513 -9.81 5.87 40.76
C THR A 513 -10.67 4.62 40.72
N SER A 514 -11.67 4.58 39.83
CA SER A 514 -12.61 3.47 39.73
C SER A 514 -13.29 3.19 41.07
N ALA A 515 -13.56 4.26 41.81
CA ALA A 515 -14.26 4.18 43.09
C ALA A 515 -15.71 4.59 42.88
N VAL A 516 -16.63 3.70 43.27
CA VAL A 516 -18.06 3.91 43.09
C VAL A 516 -18.63 4.41 44.40
N THR A 517 -19.38 5.49 44.36
CA THR A 517 -19.96 6.12 45.54
C THR A 517 -21.45 6.35 45.32
N VAL A 518 -22.26 5.95 46.29
CA VAL A 518 -23.70 6.17 46.22
C VAL A 518 -24.00 7.62 46.56
N THR A 519 -24.67 8.32 45.65
CA THR A 519 -25.02 9.72 45.82
C THR A 519 -26.52 9.87 45.69
N ARG A 520 -27.18 10.27 46.78
CA ARG A 520 -28.62 10.46 46.80
C ARG A 520 -28.94 11.94 46.64
N GLY A 521 -30.24 12.26 46.76
CA GLY A 521 -30.69 13.62 46.57
C GLY A 521 -31.85 13.70 45.59
N ILE A 522 -32.09 12.60 44.89
CA ILE A 522 -33.20 12.49 43.93
C ILE A 522 -34.31 11.69 44.59
N LYS A 523 -35.51 12.26 44.62
CA LYS A 523 -36.67 11.61 45.21
C LYS A 523 -37.78 11.61 44.16
N VAL A 524 -37.81 10.58 43.33
CA VAL A 524 -38.80 10.43 42.27
C VAL A 524 -39.46 9.08 42.40
N LEU A 525 -40.68 8.98 41.86
CA LEU A 525 -41.45 7.75 41.89
C LEU A 525 -41.39 6.98 40.57
N LEU A 526 -40.65 7.48 39.59
CA LEU A 526 -40.54 6.81 38.30
C LEU A 526 -39.40 5.79 38.25
N THR A 527 -38.52 5.77 39.26
CA THR A 527 -37.41 4.83 39.25
C THR A 527 -37.85 3.39 39.44
N ASN A 528 -39.11 3.15 39.80
CA ASN A 528 -39.64 1.81 39.99
C ASN A 528 -39.82 1.05 38.68
N LEU A 529 -39.67 1.71 37.53
CA LEU A 529 -39.84 1.07 36.24
C LEU A 529 -38.79 1.62 35.27
N GLN A 530 -38.55 0.85 34.21
CA GLN A 530 -37.53 1.19 33.23
C GLN A 530 -37.89 2.49 32.52
N PHE A 531 -36.92 3.05 31.81
CA PHE A 531 -37.08 4.35 31.17
C PHE A 531 -35.99 4.51 30.11
N VAL A 532 -35.95 5.69 29.49
CA VAL A 532 -34.89 6.07 28.57
C VAL A 532 -34.09 7.18 29.24
N LEU A 533 -32.96 7.56 28.66
CA LEU A 533 -32.09 8.56 29.26
C LEU A 533 -31.52 9.43 28.14
N ALA A 534 -30.73 10.43 28.50
CA ALA A 534 -30.14 11.34 27.53
C ALA A 534 -28.73 11.75 27.95
N PRO B 23 -8.79 -5.08 19.80
CA PRO B 23 -7.75 -5.10 20.84
C PRO B 23 -8.34 -5.22 22.24
N GLY B 24 -7.53 -4.92 23.25
CA GLY B 24 -8.01 -5.01 24.62
C GLY B 24 -6.90 -4.74 25.60
N ALA B 25 -7.26 -4.76 26.88
CA ALA B 25 -6.32 -4.55 27.97
C ALA B 25 -6.91 -5.03 29.28
N SER B 26 -6.22 -4.76 30.39
CA SER B 26 -6.69 -5.14 31.71
C SER B 26 -6.53 -3.95 32.62
N MET B 27 -7.07 -4.06 33.84
CA MET B 27 -7.09 -2.91 34.72
C MET B 27 -5.71 -2.72 35.36
N ASP B 28 -4.74 -2.35 34.53
CA ASP B 28 -3.51 -1.69 34.96
C ASP B 28 -3.22 -0.67 33.87
N GLU B 29 -4.26 -0.36 33.08
CA GLU B 29 -4.17 0.57 31.97
C GLU B 29 -5.25 1.62 32.11
N ASN B 30 -5.46 2.10 33.33
CA ASN B 30 -6.45 3.15 33.57
C ASN B 30 -6.08 4.37 32.73
N TYR B 31 -6.94 4.72 31.78
CA TYR B 31 -6.61 5.74 30.79
C TYR B 31 -6.47 7.13 31.39
N PHE B 32 -6.72 7.30 32.69
CA PHE B 32 -6.48 8.58 33.32
C PHE B 32 -5.11 8.66 34.00
N VAL B 33 -4.75 7.69 34.84
CA VAL B 33 -3.35 7.59 35.25
C VAL B 33 -2.79 6.19 34.98
N ASN B 34 -2.48 5.95 33.70
CA ASN B 34 -1.61 4.89 33.17
C ASN B 34 -1.74 4.98 31.67
N TYR B 35 -0.79 4.44 30.90
CA TYR B 35 -0.94 4.49 29.46
C TYR B 35 0.07 3.58 28.79
N THR B 36 -0.13 3.30 27.50
CA THR B 36 0.80 2.44 26.77
C THR B 36 1.00 2.93 25.34
N PHE B 37 0.87 4.24 25.14
CA PHE B 37 0.82 4.91 23.84
C PHE B 37 1.73 4.25 22.81
N LYS B 38 1.12 3.71 21.75
CA LYS B 38 1.81 2.99 20.69
C LYS B 38 1.21 3.43 19.36
N ASP B 39 1.90 4.35 18.67
CA ASP B 39 1.41 4.86 17.40
C ASP B 39 1.95 4.00 16.26
N ARG B 40 1.05 3.56 15.39
CA ARG B 40 1.44 2.74 14.25
C ARG B 40 1.87 3.63 13.09
N SER B 41 2.83 4.52 13.34
CA SER B 41 3.28 5.46 12.32
C SER B 41 4.79 5.60 12.31
N HIS B 42 5.52 4.56 12.71
CA HIS B 42 6.97 4.54 12.56
C HIS B 42 7.37 3.92 11.22
N SER B 43 6.80 4.45 10.15
CA SER B 43 7.18 4.10 8.78
C SER B 43 7.33 5.32 7.88
N GLY B 44 6.87 6.49 8.30
CA GLY B 44 7.05 7.70 7.53
C GLY B 44 7.90 8.71 8.27
N ARG B 45 8.27 8.39 9.51
CA ARG B 45 9.13 9.24 10.32
C ARG B 45 10.49 8.63 10.63
N VAL B 46 10.64 7.31 10.46
CA VAL B 46 11.91 6.64 10.68
C VAL B 46 12.42 5.94 9.42
N ALA B 47 11.52 5.47 8.56
CA ALA B 47 11.91 4.90 7.27
C ALA B 47 12.06 5.94 6.19
N GLN B 48 11.10 6.85 6.05
CA GLN B 48 11.23 7.94 5.09
C GLN B 48 12.23 8.99 5.55
N GLY B 49 12.33 9.21 6.86
CA GLY B 49 13.28 10.17 7.39
C GLY B 49 14.72 9.73 7.37
N ILE B 50 14.97 8.45 7.06
CA ILE B 50 16.33 7.93 6.93
C ILE B 50 16.80 7.88 5.49
N MET B 51 15.92 7.57 4.54
CA MET B 51 16.30 7.55 3.14
C MET B 51 16.84 8.90 2.68
N LYS B 52 16.16 9.99 3.03
CA LYS B 52 16.61 11.32 2.65
C LYS B 52 17.81 11.79 3.44
N LEU B 53 18.14 11.11 4.54
CA LEU B 53 19.31 11.47 5.34
C LEU B 53 20.53 10.60 5.03
N CYS B 54 20.35 9.49 4.34
CA CYS B 54 21.44 8.59 3.98
C CYS B 54 21.62 8.41 2.48
N LEU B 55 20.54 8.13 1.75
CA LEU B 55 20.66 7.85 0.32
C LEU B 55 20.72 9.14 -0.49
N GLU B 56 19.68 9.97 -0.42
CA GLU B 56 19.62 11.16 -1.25
C GLU B 56 20.61 12.21 -0.79
N GLU B 57 20.43 12.72 0.43
CA GLU B 57 21.34 13.71 1.01
C GLU B 57 22.31 12.98 1.92
N GLU B 58 23.44 12.55 1.35
CA GLU B 58 24.45 11.81 2.10
C GLU B 58 24.96 12.63 3.29
N LEU B 59 24.86 12.08 4.48
CA LEU B 59 25.24 12.79 5.70
C LEU B 59 25.65 11.78 6.76
N PHE B 60 26.42 12.26 7.74
CA PHE B 60 26.83 11.47 8.90
C PHE B 60 27.65 10.26 8.48
N ALA B 61 28.62 10.48 7.61
CA ALA B 61 29.52 9.41 7.19
C ALA B 61 30.54 9.11 8.28
N ASP B 62 30.80 7.83 8.52
CA ASP B 62 31.70 7.42 9.58
C ASP B 62 32.90 6.61 9.09
N VAL B 63 32.70 5.62 8.24
CA VAL B 63 33.77 4.75 7.78
C VAL B 63 34.16 5.13 6.36
N THR B 64 35.45 5.17 6.09
CA THR B 64 35.98 5.53 4.78
C THR B 64 36.53 4.28 4.10
N ILE B 65 36.09 4.04 2.87
CA ILE B 65 36.55 2.91 2.07
C ILE B 65 37.65 3.40 1.15
N SER B 66 38.85 2.84 1.31
CA SER B 66 40.01 3.29 0.54
C SER B 66 40.30 2.27 -0.55
N VAL B 67 39.60 2.43 -1.68
CA VAL B 67 39.94 1.66 -2.88
C VAL B 67 41.23 2.24 -3.46
N GLU B 68 41.91 1.44 -4.29
CA GLU B 68 43.17 1.87 -4.90
C GLU B 68 42.98 3.20 -5.62
N GLY B 69 43.90 4.13 -5.38
CA GLY B 69 43.86 5.43 -6.02
C GLY B 69 43.05 6.49 -5.29
N ARG B 70 41.83 6.15 -4.87
CA ARG B 70 40.89 7.11 -4.32
C ARG B 70 40.61 6.79 -2.85
N GLU B 71 39.67 7.53 -2.27
CA GLU B 71 39.27 7.32 -0.87
C GLU B 71 37.81 7.77 -0.74
N PHE B 72 36.90 6.81 -0.72
CA PHE B 72 35.48 7.11 -0.58
C PHE B 72 35.09 7.22 0.88
N GLN B 73 33.85 7.67 1.10
CA GLN B 73 33.26 7.75 2.43
C GLN B 73 31.87 7.17 2.38
N LEU B 74 31.64 6.09 3.12
CA LEU B 74 30.40 5.34 3.07
C LEU B 74 29.82 5.18 4.46
N HIS B 75 28.50 5.01 4.53
CA HIS B 75 27.82 4.83 5.80
C HIS B 75 27.85 3.38 6.24
N ARG B 76 27.92 3.19 7.57
CA ARG B 76 27.97 1.84 8.13
C ARG B 76 26.64 1.11 8.09
N LEU B 77 25.53 1.85 7.96
CA LEU B 77 24.20 1.23 8.00
C LEU B 77 23.66 0.87 6.64
N VAL B 78 24.07 1.56 5.57
CA VAL B 78 23.60 1.25 4.24
C VAL B 78 24.39 0.10 3.61
N LEU B 79 25.70 0.02 3.90
CA LEU B 79 26.50 -1.07 3.34
C LEU B 79 26.09 -2.42 3.90
N SER B 80 25.78 -2.50 5.18
CA SER B 80 25.44 -3.76 5.83
C SER B 80 23.96 -4.12 5.70
N ALA B 81 23.15 -3.26 5.10
CA ALA B 81 21.74 -3.57 4.92
C ALA B 81 21.43 -4.27 3.60
N GLN B 82 22.29 -4.11 2.60
CA GLN B 82 22.09 -4.76 1.30
C GLN B 82 23.08 -5.88 1.03
N SER B 83 24.23 -5.89 1.67
CA SER B 83 25.26 -6.89 1.46
C SER B 83 25.33 -7.83 2.65
N CYS B 84 26.16 -8.87 2.50
CA CYS B 84 26.45 -9.81 3.58
C CYS B 84 27.94 -9.91 3.87
N PHE B 85 28.79 -9.87 2.85
CA PHE B 85 30.22 -9.80 3.07
C PHE B 85 30.60 -8.49 3.76
N PHE B 86 29.96 -7.39 3.37
CA PHE B 86 30.19 -6.11 4.02
C PHE B 86 29.62 -6.05 5.43
N ARG B 87 28.69 -6.94 5.78
CA ARG B 87 28.14 -6.98 7.13
C ARG B 87 28.95 -7.87 8.06
N SER B 88 29.45 -9.00 7.57
CA SER B 88 30.29 -9.88 8.37
C SER B 88 31.71 -9.37 8.53
N MET B 89 32.03 -8.19 7.98
CA MET B 89 33.37 -7.63 8.06
C MET B 89 33.44 -6.43 9.00
N PHE B 90 32.44 -5.55 8.96
CA PHE B 90 32.35 -4.50 9.98
C PHE B 90 32.01 -5.07 11.34
N THR B 91 31.19 -6.12 11.38
CA THR B 91 30.79 -6.71 12.66
C THR B 91 31.98 -7.27 13.42
N SER B 92 32.88 -7.95 12.72
CA SER B 92 34.08 -8.51 13.35
C SER B 92 35.12 -7.40 13.47
N ASN B 93 35.41 -6.99 14.71
CA ASN B 93 36.37 -5.93 14.98
C ASN B 93 37.78 -6.46 15.23
N LEU B 94 38.13 -7.60 14.63
CA LEU B 94 39.46 -8.20 14.78
C LEU B 94 40.43 -7.42 13.91
N LYS B 95 40.74 -6.19 14.34
CA LYS B 95 41.66 -5.30 13.65
C LYS B 95 41.20 -5.04 12.20
N GLU B 96 39.89 -4.94 12.00
CA GLU B 96 39.32 -4.70 10.69
C GLU B 96 38.39 -3.50 10.63
N ALA B 97 38.02 -2.90 11.77
CA ALA B 97 37.16 -1.74 11.79
C ALA B 97 37.66 -0.63 12.70
N HIS B 98 38.66 -0.89 13.54
CA HIS B 98 39.18 0.14 14.44
C HIS B 98 39.99 1.19 13.71
N ASN B 99 40.67 0.81 12.62
CA ASN B 99 41.51 1.76 11.90
C ASN B 99 40.70 2.78 11.11
N ARG B 100 39.56 2.37 10.56
CA ARG B 100 38.65 3.23 9.79
C ARG B 100 39.31 3.78 8.53
N VAL B 101 40.47 3.23 8.14
CA VAL B 101 41.12 3.59 6.88
C VAL B 101 41.26 2.28 6.12
N ILE B 102 40.21 1.45 6.20
CA ILE B 102 40.26 0.12 5.59
C ILE B 102 40.42 0.23 4.09
N VAL B 103 41.15 -0.72 3.51
CA VAL B 103 41.48 -0.72 2.09
C VAL B 103 40.91 -1.98 1.45
N LEU B 104 40.31 -1.82 0.28
CA LEU B 104 39.75 -2.92 -0.49
C LEU B 104 40.68 -3.27 -1.64
N GLN B 105 40.77 -4.55 -1.96
CA GLN B 105 41.68 -5.06 -2.99
C GLN B 105 40.92 -5.90 -4.01
N ASP B 106 41.60 -6.16 -5.13
CA ASP B 106 41.03 -6.91 -6.26
C ASP B 106 39.77 -6.25 -6.79
N VAL B 107 39.71 -4.92 -6.72
CA VAL B 107 38.58 -4.15 -7.25
C VAL B 107 39.13 -2.95 -8.00
N SER B 108 38.70 -2.79 -9.25
CA SER B 108 39.16 -1.66 -10.05
C SER B 108 38.53 -0.36 -9.58
N GLU B 109 39.13 0.75 -10.01
CA GLU B 109 38.64 2.06 -9.59
C GLU B 109 37.25 2.35 -10.15
N SER B 110 37.01 2.01 -11.42
CA SER B 110 35.75 2.37 -12.06
C SER B 110 34.59 1.51 -11.57
N VAL B 111 34.83 0.20 -11.39
CA VAL B 111 33.74 -0.70 -11.02
C VAL B 111 33.21 -0.37 -9.64
N PHE B 112 34.09 0.02 -8.71
CA PHE B 112 33.64 0.32 -7.36
C PHE B 112 32.79 1.58 -7.32
N GLN B 113 33.11 2.56 -8.17
CA GLN B 113 32.30 3.78 -8.20
C GLN B 113 30.87 3.49 -8.65
N LEU B 114 30.70 2.51 -9.54
CA LEU B 114 29.37 2.09 -9.94
C LEU B 114 28.66 1.25 -8.89
N LEU B 115 29.40 0.68 -7.93
CA LEU B 115 28.76 0.00 -6.81
C LEU B 115 28.24 0.98 -5.76
N VAL B 116 28.96 2.08 -5.52
CA VAL B 116 28.44 3.13 -4.66
C VAL B 116 27.16 3.70 -5.26
N ASP B 117 27.11 3.83 -6.59
CA ASP B 117 25.89 4.28 -7.25
C ASP B 117 24.74 3.31 -7.04
N TYR B 118 25.04 2.04 -6.77
CA TYR B 118 23.98 1.07 -6.60
C TYR B 118 23.58 0.84 -5.15
N ILE B 119 24.55 0.74 -4.24
CA ILE B 119 24.22 0.63 -2.82
C ILE B 119 23.44 1.85 -2.36
N TYR B 120 23.86 3.03 -2.82
CA TYR B 120 23.13 4.28 -2.67
C TYR B 120 22.05 4.33 -3.74
N HIS B 121 21.61 5.54 -4.12
CA HIS B 121 20.28 5.83 -4.67
C HIS B 121 19.65 4.68 -5.44
N GLY B 122 20.40 4.06 -6.36
CA GLY B 122 19.91 2.84 -6.97
C GLY B 122 19.90 2.83 -8.49
N THR B 123 20.65 3.73 -9.11
CA THR B 123 20.75 3.78 -10.56
C THR B 123 22.16 3.40 -10.98
N VAL B 124 22.26 2.47 -11.93
CA VAL B 124 23.55 2.01 -12.43
C VAL B 124 23.56 2.23 -13.94
N LYS B 125 24.75 2.27 -14.52
CA LYS B 125 24.94 2.56 -15.94
C LYS B 125 25.78 1.47 -16.59
N LEU B 126 25.36 0.22 -16.40
CA LEU B 126 26.07 -0.96 -16.91
C LEU B 126 26.46 -0.81 -18.38
N ARG B 127 27.75 -0.83 -18.65
CA ARG B 127 28.27 -0.74 -20.02
C ARG B 127 28.86 -2.08 -20.43
N ALA B 128 29.35 -2.15 -21.67
CA ALA B 128 29.94 -3.36 -22.20
C ALA B 128 31.44 -3.46 -21.95
N GLU B 129 32.13 -2.32 -21.79
CA GLU B 129 33.56 -2.37 -21.48
C GLU B 129 33.81 -3.01 -20.13
N GLU B 130 33.02 -2.62 -19.12
CA GLU B 130 33.16 -3.15 -17.77
C GLU B 130 31.87 -3.90 -17.41
N LEU B 131 31.80 -5.17 -17.80
CA LEU B 131 30.68 -6.03 -17.48
C LEU B 131 31.07 -7.34 -16.83
N GLN B 132 32.25 -7.88 -17.11
CA GLN B 132 32.70 -9.08 -16.43
C GLN B 132 33.35 -8.79 -15.08
N GLU B 133 33.98 -7.62 -14.94
CA GLU B 133 34.55 -7.25 -13.65
C GLU B 133 33.46 -6.98 -12.63
N ILE B 134 32.39 -6.30 -13.05
CA ILE B 134 31.25 -6.05 -12.15
C ILE B 134 30.44 -7.31 -11.93
N TYR B 135 30.60 -8.33 -12.77
CA TYR B 135 29.92 -9.60 -12.55
C TYR B 135 30.55 -10.37 -11.39
N GLU B 136 31.88 -10.46 -11.36
CA GLU B 136 32.55 -11.18 -10.29
C GLU B 136 32.57 -10.39 -8.99
N VAL B 137 32.77 -9.07 -9.08
CA VAL B 137 32.84 -8.25 -7.88
C VAL B 137 31.49 -8.22 -7.17
N SER B 138 30.41 -8.08 -7.91
CA SER B 138 29.08 -8.08 -7.30
C SER B 138 28.70 -9.44 -6.73
N ASP B 139 29.40 -10.50 -7.11
CA ASP B 139 29.19 -11.81 -6.50
C ASP B 139 30.07 -12.03 -5.29
N MET B 140 31.23 -11.37 -5.23
CA MET B 140 32.09 -11.47 -4.05
C MET B 140 31.48 -10.73 -2.87
N TYR B 141 30.76 -9.65 -3.13
CA TYR B 141 30.12 -8.85 -2.09
C TYR B 141 28.72 -9.33 -1.75
N GLN B 142 28.28 -10.44 -2.33
CA GLN B 142 26.97 -11.05 -2.04
C GLN B 142 25.83 -10.07 -2.32
N LEU B 143 25.98 -9.27 -3.37
CA LEU B 143 24.91 -8.38 -3.81
C LEU B 143 23.88 -9.19 -4.58
N THR B 144 22.65 -9.23 -4.09
CA THR B 144 21.66 -10.16 -4.61
C THR B 144 20.98 -9.63 -5.88
N SER B 145 20.44 -8.41 -5.81
CA SER B 145 19.65 -7.91 -6.93
C SER B 145 20.52 -7.51 -8.11
N LEU B 146 21.76 -7.08 -7.87
CA LEU B 146 22.65 -6.76 -8.97
C LEU B 146 23.09 -8.01 -9.72
N PHE B 147 23.17 -9.15 -9.02
CA PHE B 147 23.50 -10.42 -9.67
C PHE B 147 22.23 -11.10 -10.18
N GLU B 148 21.37 -10.30 -10.81
CA GLU B 148 20.22 -10.80 -11.56
C GLU B 148 19.98 -10.05 -12.86
N GLU B 149 20.60 -8.90 -13.06
CA GLU B 149 20.61 -8.18 -14.32
C GLU B 149 21.98 -8.14 -14.97
N CYS B 150 23.05 -8.18 -14.17
CA CYS B 150 24.39 -8.35 -14.72
C CYS B 150 24.60 -9.76 -15.24
N SER B 151 23.81 -10.73 -14.79
CA SER B 151 23.81 -12.06 -15.38
C SER B 151 22.85 -12.16 -16.55
N ARG B 152 21.75 -11.42 -16.51
CA ARG B 152 20.87 -11.32 -17.68
C ARG B 152 21.59 -10.67 -18.85
N PHE B 153 22.42 -9.66 -18.57
CA PHE B 153 23.19 -9.02 -19.63
C PHE B 153 24.10 -10.03 -20.32
N LEU B 154 24.82 -10.84 -19.54
CA LEU B 154 25.70 -11.83 -20.14
C LEU B 154 24.93 -12.91 -20.88
N ALA B 155 23.72 -13.24 -20.41
CA ALA B 155 22.87 -14.17 -21.13
C ALA B 155 22.22 -13.55 -22.36
N ARG B 156 22.59 -12.31 -22.70
CA ARG B 156 21.98 -11.57 -23.80
C ARG B 156 22.96 -11.22 -24.92
N THR B 157 24.26 -11.19 -24.65
CA THR B 157 25.26 -10.75 -25.62
C THR B 157 26.40 -11.77 -25.72
N VAL B 158 26.05 -13.05 -25.81
CA VAL B 158 27.03 -14.10 -26.09
C VAL B 158 27.06 -14.33 -27.59
N GLN B 159 28.13 -13.84 -28.23
CA GLN B 159 28.39 -14.14 -29.62
C GLN B 159 29.21 -15.43 -29.69
N VAL B 160 29.45 -15.91 -30.92
CA VAL B 160 30.18 -17.15 -31.09
C VAL B 160 31.59 -17.03 -30.54
N GLY B 161 32.23 -15.87 -30.71
CA GLY B 161 33.62 -15.71 -30.30
C GLY B 161 33.85 -15.73 -28.81
N ASN B 162 32.83 -15.46 -28.01
CA ASN B 162 32.96 -15.44 -26.56
C ASN B 162 31.90 -16.33 -25.90
N CYS B 163 31.54 -17.43 -26.57
CA CYS B 163 30.62 -18.41 -26.00
C CYS B 163 31.30 -19.35 -25.02
N LEU B 164 32.62 -19.28 -24.88
CA LEU B 164 33.33 -20.15 -23.97
C LEU B 164 34.01 -19.44 -22.82
N GLN B 165 34.35 -18.15 -22.97
CA GLN B 165 34.83 -17.38 -21.83
C GLN B 165 33.71 -17.06 -20.87
N VAL B 166 32.47 -16.94 -21.36
CA VAL B 166 31.30 -16.81 -20.51
C VAL B 166 30.87 -18.15 -19.93
N MET B 167 31.03 -19.25 -20.67
CA MET B 167 30.69 -20.57 -20.14
C MET B 167 31.48 -20.88 -18.87
N TRP B 168 32.80 -20.66 -18.90
CA TRP B 168 33.61 -20.97 -17.74
C TRP B 168 33.37 -19.98 -16.61
N LEU B 169 33.01 -18.73 -16.96
CA LEU B 169 32.63 -17.77 -15.93
C LEU B 169 31.35 -18.19 -15.22
N ALA B 170 30.39 -18.75 -15.97
CA ALA B 170 29.17 -19.24 -15.36
C ALA B 170 29.43 -20.40 -14.41
N ASP B 171 30.34 -21.30 -14.77
CA ASP B 171 30.68 -22.44 -13.92
C ASP B 171 31.81 -22.09 -12.95
N ARG B 172 31.67 -20.95 -12.28
CA ARG B 172 32.50 -20.58 -11.15
C ARG B 172 31.71 -19.97 -10.00
N HIS B 173 30.52 -19.43 -10.26
CA HIS B 173 29.66 -18.87 -9.23
C HIS B 173 28.32 -19.60 -9.15
N SER B 174 28.17 -20.70 -9.89
CA SER B 174 26.97 -21.54 -9.86
C SER B 174 25.72 -20.74 -10.21
N ASP B 175 25.70 -20.22 -11.43
CA ASP B 175 24.56 -19.48 -11.95
C ASP B 175 23.90 -20.26 -13.07
N PRO B 176 22.74 -20.88 -12.85
CA PRO B 176 22.10 -21.67 -13.92
C PRO B 176 21.41 -20.84 -14.98
N GLU B 177 21.08 -19.57 -14.70
CA GLU B 177 20.42 -18.73 -15.69
C GLU B 177 21.35 -18.29 -16.82
N LEU B 178 22.65 -18.47 -16.67
CA LEU B 178 23.62 -18.16 -17.71
C LEU B 178 24.30 -19.41 -18.27
N TYR B 179 24.58 -20.40 -17.43
CA TYR B 179 25.18 -21.64 -17.93
C TYR B 179 24.23 -22.39 -18.85
N THR B 180 22.94 -22.29 -18.61
CA THR B 180 21.94 -22.89 -19.49
C THR B 180 21.53 -21.95 -20.62
N ALA B 181 22.02 -20.72 -20.63
CA ALA B 181 21.81 -19.78 -21.73
C ALA B 181 23.04 -19.55 -22.58
N ALA B 182 24.24 -19.84 -22.06
CA ALA B 182 25.45 -19.85 -22.86
C ALA B 182 25.73 -21.22 -23.47
N LYS B 183 24.83 -22.18 -23.28
CA LYS B 183 24.93 -23.50 -23.89
C LYS B 183 24.06 -23.65 -25.12
N HIS B 184 22.88 -23.02 -25.15
CA HIS B 184 22.05 -23.05 -26.34
C HIS B 184 22.67 -22.26 -27.49
N CYS B 185 23.52 -21.28 -27.18
CA CYS B 185 24.18 -20.48 -28.19
C CYS B 185 25.61 -20.94 -28.46
N ALA B 186 26.08 -21.99 -27.78
CA ALA B 186 27.41 -22.51 -28.00
C ALA B 186 27.43 -23.94 -28.52
N LYS B 187 26.28 -24.62 -28.53
CA LYS B 187 26.20 -25.96 -29.11
C LYS B 187 25.70 -25.95 -30.54
N THR B 188 24.88 -24.96 -30.92
CA THR B 188 24.45 -24.86 -32.30
C THR B 188 25.62 -24.55 -33.24
N HIS B 189 26.50 -23.64 -32.83
CA HIS B 189 27.69 -23.30 -33.61
C HIS B 189 28.88 -24.15 -33.19
N LEU B 190 28.69 -25.48 -33.15
CA LEU B 190 29.79 -26.36 -32.76
C LEU B 190 30.81 -26.50 -33.88
N ALA B 191 30.37 -26.43 -35.14
CA ALA B 191 31.30 -26.60 -36.25
C ALA B 191 32.34 -25.49 -36.29
N GLN B 192 31.92 -24.24 -36.10
CA GLN B 192 32.87 -23.13 -36.15
C GLN B 192 33.80 -23.14 -34.94
N LEU B 193 33.29 -23.53 -33.78
CA LEU B 193 34.12 -23.60 -32.58
C LEU B 193 35.18 -24.67 -32.66
N GLN B 194 35.06 -25.61 -33.61
CA GLN B 194 36.02 -26.70 -33.73
C GLN B 194 37.42 -26.17 -34.04
N ASN B 195 37.52 -25.19 -34.93
CA ASN B 195 38.82 -24.64 -35.30
C ASN B 195 39.41 -23.76 -34.21
N THR B 196 38.59 -23.24 -33.30
CA THR B 196 39.09 -22.34 -32.25
C THR B 196 40.04 -23.08 -31.31
N GLU B 197 41.02 -22.34 -30.80
CA GLU B 197 42.01 -22.92 -29.89
C GLU B 197 41.44 -23.16 -28.50
N GLU B 198 40.46 -22.36 -28.08
CA GLU B 198 39.87 -22.52 -26.76
C GLU B 198 39.11 -23.84 -26.63
N PHE B 199 38.51 -24.30 -27.73
CA PHE B 199 37.73 -25.54 -27.70
C PHE B 199 38.62 -26.74 -27.39
N LEU B 200 39.84 -26.77 -27.95
CA LEU B 200 40.72 -27.90 -27.75
C LEU B 200 41.24 -28.00 -26.32
N HIS B 201 41.19 -26.92 -25.56
CA HIS B 201 41.63 -26.91 -24.17
C HIS B 201 40.48 -27.09 -23.19
N LEU B 202 39.34 -27.60 -23.66
CA LEU B 202 38.17 -27.69 -22.83
C LEU B 202 38.36 -28.71 -21.72
N PRO B 203 37.92 -28.42 -20.49
CA PRO B 203 37.90 -29.44 -19.45
C PRO B 203 36.93 -30.56 -19.79
N HIS B 204 37.23 -31.74 -19.24
CA HIS B 204 36.41 -32.91 -19.52
C HIS B 204 34.97 -32.73 -19.07
N ARG B 205 34.76 -31.98 -17.99
CA ARG B 205 33.40 -31.80 -17.47
C ARG B 205 32.55 -30.92 -18.39
N LEU B 206 33.11 -29.79 -18.84
CA LEU B 206 32.33 -28.85 -19.64
C LEU B 206 31.94 -29.45 -20.98
N LEU B 207 32.86 -30.17 -21.64
CA LEU B 207 32.56 -30.73 -22.95
C LEU B 207 31.47 -31.78 -22.89
N THR B 208 31.30 -32.44 -21.74
CA THR B 208 30.27 -33.47 -21.62
C THR B 208 28.88 -32.87 -21.72
N ASP B 209 28.65 -31.73 -21.09
CA ASP B 209 27.31 -31.16 -21.03
C ASP B 209 26.88 -30.52 -22.34
N ILE B 210 27.79 -29.84 -23.05
CA ILE B 210 27.41 -29.16 -24.28
C ILE B 210 27.12 -30.17 -25.40
N ILE B 211 27.79 -31.31 -25.40
CA ILE B 211 27.53 -32.33 -26.43
C ILE B 211 26.18 -32.99 -26.20
N SER B 212 25.88 -33.35 -24.96
CA SER B 212 24.66 -34.08 -24.66
C SER B 212 23.47 -33.14 -24.47
N ASP B 213 23.20 -32.31 -25.48
CA ASP B 213 22.05 -31.41 -25.42
C ASP B 213 21.33 -31.29 -26.75
N GLY B 214 21.65 -32.11 -27.74
CA GLY B 214 20.97 -32.04 -29.02
C GLY B 214 21.65 -31.13 -30.02
N VAL B 215 22.95 -31.36 -30.25
CA VAL B 215 23.71 -30.62 -31.26
C VAL B 215 23.13 -30.97 -32.63
N PRO B 216 22.91 -29.98 -33.50
CA PRO B 216 22.31 -30.28 -34.81
C PRO B 216 23.18 -31.22 -35.64
N CYS B 217 22.50 -32.05 -36.44
CA CYS B 217 23.18 -33.04 -37.26
C CYS B 217 24.03 -32.41 -38.36
N SER B 218 23.73 -31.19 -38.77
CA SER B 218 24.48 -30.54 -39.83
C SER B 218 25.79 -29.94 -39.35
N GLN B 219 26.05 -29.93 -38.04
CA GLN B 219 27.27 -29.37 -37.48
C GLN B 219 28.36 -30.43 -37.26
N ASN B 220 28.11 -31.67 -37.68
CA ASN B 220 29.07 -32.77 -37.57
C ASN B 220 29.46 -33.00 -36.11
N PRO B 221 28.56 -33.49 -35.27
CA PRO B 221 28.93 -33.75 -33.87
C PRO B 221 30.02 -34.80 -33.72
N THR B 222 30.08 -35.78 -34.61
CA THR B 222 31.09 -36.83 -34.50
C THR B 222 32.50 -36.26 -34.67
N GLU B 223 32.68 -35.29 -35.56
CA GLU B 223 33.99 -34.70 -35.80
C GLU B 223 34.53 -33.99 -34.57
N ALA B 224 33.65 -33.48 -33.69
CA ALA B 224 34.11 -32.73 -32.53
C ALA B 224 34.97 -33.61 -31.61
N ILE B 225 34.52 -34.84 -31.35
CA ILE B 225 35.34 -35.77 -30.56
C ILE B 225 36.60 -36.15 -31.32
N GLU B 226 36.50 -36.27 -32.65
CA GLU B 226 37.65 -36.65 -33.46
C GLU B 226 38.77 -35.62 -33.37
N ALA B 227 38.44 -34.37 -33.02
CA ALA B 227 39.46 -33.34 -32.87
C ALA B 227 40.43 -33.69 -31.75
N TRP B 228 39.92 -34.19 -30.62
CA TRP B 228 40.79 -34.62 -29.54
C TRP B 228 41.55 -35.89 -29.89
N ILE B 229 40.95 -36.76 -30.70
CA ILE B 229 41.63 -37.98 -31.14
C ILE B 229 42.85 -37.64 -31.98
N ASN B 230 42.70 -36.70 -32.92
CA ASN B 230 43.78 -36.28 -33.80
C ASN B 230 44.60 -35.14 -33.23
N PHE B 231 44.63 -34.99 -31.90
CA PHE B 231 45.42 -33.93 -31.28
C PHE B 231 46.91 -34.12 -31.56
N ASN B 232 47.39 -35.35 -31.49
CA ASN B 232 48.80 -35.65 -31.76
C ASN B 232 48.93 -36.61 -32.94
N GLU B 234 48.86 -40.62 -24.58
CA GLU B 234 49.22 -39.79 -23.43
C GLU B 234 48.18 -39.91 -22.32
N GLU B 235 47.91 -38.80 -21.64
CA GLU B 235 46.95 -38.77 -20.55
C GLU B 235 45.53 -38.45 -21.03
N ARG B 236 45.38 -37.52 -21.97
CA ARG B 236 44.08 -37.13 -22.48
C ARG B 236 43.58 -38.02 -23.61
N GLU B 237 44.44 -38.89 -24.16
CA GLU B 237 44.06 -39.77 -25.25
C GLU B 237 43.41 -41.06 -24.77
N ALA B 238 43.33 -41.28 -23.45
CA ALA B 238 42.69 -42.49 -22.93
C ALA B 238 41.18 -42.48 -23.16
N PHE B 239 40.58 -41.30 -23.37
CA PHE B 239 39.14 -41.21 -23.61
C PHE B 239 38.85 -41.64 -25.04
N ALA B 240 38.47 -42.90 -25.20
CA ALA B 240 38.13 -43.46 -26.52
C ALA B 240 36.65 -43.79 -26.62
N GLU B 241 36.13 -44.62 -25.72
CA GLU B 241 34.71 -44.93 -25.73
C GLU B 241 33.87 -43.87 -25.05
N SER B 242 34.48 -43.07 -24.16
CA SER B 242 33.74 -42.03 -23.45
C SER B 242 33.37 -40.89 -24.39
N LEU B 243 32.36 -40.12 -23.99
CA LEU B 243 31.83 -38.96 -24.71
C LEU B 243 31.20 -39.32 -26.04
N ARG B 244 31.18 -40.60 -26.41
CA ARG B 244 30.55 -41.06 -27.64
C ARG B 244 29.17 -41.67 -27.42
N THR B 245 28.97 -42.38 -26.29
CA THR B 245 27.66 -42.91 -25.98
C THR B 245 26.68 -41.84 -25.54
N SER B 246 27.17 -40.73 -24.99
CA SER B 246 26.32 -39.65 -24.51
C SER B 246 25.96 -38.65 -25.60
N LEU B 247 26.56 -38.75 -26.78
CA LEU B 247 26.24 -37.83 -27.86
C LEU B 247 24.87 -38.16 -28.45
N LYS B 248 24.01 -37.16 -28.55
CA LYS B 248 22.70 -37.30 -29.16
C LYS B 248 22.56 -36.26 -30.26
N GLU B 249 22.29 -36.72 -31.49
CA GLU B 249 22.17 -35.86 -32.64
C GLU B 249 20.71 -35.73 -33.04
N ILE B 250 20.24 -34.50 -33.20
CA ILE B 250 18.88 -34.22 -33.65
C ILE B 250 18.96 -33.26 -34.83
N GLY B 251 18.13 -33.51 -35.85
CA GLY B 251 18.11 -32.61 -36.99
C GLY B 251 17.55 -31.26 -36.62
N GLU B 252 18.09 -30.21 -37.25
CA GLU B 252 17.61 -28.86 -36.99
C GLU B 252 16.23 -28.67 -37.60
N ASN B 253 15.31 -28.10 -36.81
CA ASN B 253 13.94 -27.89 -37.25
C ASN B 253 13.41 -26.50 -36.96
N VAL B 254 14.18 -25.65 -36.27
CA VAL B 254 13.76 -24.30 -35.96
C VAL B 254 14.26 -23.38 -37.06
N HIS B 255 13.32 -22.83 -37.84
CA HIS B 255 13.66 -21.94 -38.95
C HIS B 255 12.50 -20.96 -39.12
N ILE B 256 12.50 -20.26 -40.26
CA ILE B 256 11.49 -19.24 -40.55
C ILE B 256 10.47 -19.81 -41.52
N TYR B 257 9.20 -19.71 -41.16
CA TYR B 257 8.13 -20.08 -42.07
C TYR B 257 7.60 -18.85 -42.78
N LEU B 258 7.54 -18.93 -44.11
CA LEU B 258 7.16 -17.80 -44.95
C LEU B 258 5.88 -18.13 -45.68
N ILE B 259 4.90 -17.22 -45.62
CA ILE B 259 3.62 -17.38 -46.27
C ILE B 259 3.43 -16.23 -47.27
N GLY B 260 3.10 -16.57 -48.51
CA GLY B 260 2.93 -15.57 -49.54
C GLY B 260 2.34 -16.12 -50.82
N LYS B 261 1.44 -15.37 -51.44
CA LYS B 261 0.80 -15.79 -52.68
C LYS B 261 1.51 -15.16 -53.87
N GLU B 262 1.78 -15.98 -54.89
CA GLU B 262 2.38 -15.47 -56.11
C GLU B 262 1.38 -14.62 -56.89
N SER B 263 1.92 -13.73 -57.74
CA SER B 263 1.08 -12.90 -58.59
C SER B 263 0.51 -13.65 -59.77
N SER B 264 1.08 -14.82 -60.12
CA SER B 264 0.61 -15.56 -61.28
C SER B 264 -0.74 -16.22 -61.00
N ARG B 265 -0.89 -16.84 -59.83
CA ARG B 265 -2.10 -17.57 -59.49
C ARG B 265 -2.45 -17.33 -58.02
N THR B 266 -3.63 -17.80 -57.64
CA THR B 266 -4.11 -17.66 -56.27
C THR B 266 -3.62 -18.78 -55.35
N HIS B 267 -2.84 -19.72 -55.87
CA HIS B 267 -2.31 -20.82 -55.07
C HIS B 267 -1.32 -20.28 -54.05
N SER B 268 -1.73 -20.23 -52.79
CA SER B 268 -0.87 -19.73 -51.73
C SER B 268 0.29 -20.69 -51.49
N LEU B 269 1.49 -20.14 -51.33
CA LEU B 269 2.69 -20.93 -51.09
C LEU B 269 3.13 -20.82 -49.64
N ALA B 270 3.84 -21.84 -49.18
CA ALA B 270 4.35 -21.92 -47.81
C ALA B 270 5.83 -22.29 -47.84
N VAL B 271 6.59 -21.56 -48.65
CA VAL B 271 8.01 -21.84 -48.82
C VAL B 271 8.72 -21.79 -47.48
N SER B 272 9.60 -22.76 -47.24
CA SER B 272 10.32 -22.89 -45.99
C SER B 272 11.81 -22.72 -46.25
N LEU B 273 12.47 -21.91 -45.42
CA LEU B 273 13.89 -21.66 -45.53
C LEU B 273 14.52 -21.74 -44.14
N HIS B 274 15.80 -22.10 -44.11
CA HIS B 274 16.55 -22.23 -42.87
C HIS B 274 17.84 -21.44 -42.98
N CYS B 275 18.22 -20.80 -41.87
CA CYS B 275 19.45 -20.01 -41.85
C CYS B 275 20.64 -20.87 -41.49
N ALA B 276 21.80 -20.54 -42.06
CA ALA B 276 23.04 -21.26 -41.80
C ALA B 276 24.17 -20.26 -41.63
N GLU B 277 25.18 -20.68 -40.87
CA GLU B 277 26.34 -19.81 -40.63
C GLU B 277 27.24 -19.71 -41.85
N ASP B 278 27.21 -20.70 -42.73
CA ASP B 278 28.03 -20.71 -43.94
C ASP B 278 27.37 -19.98 -45.10
N ASP B 279 26.14 -19.50 -44.91
CA ASP B 279 25.39 -18.78 -45.95
C ASP B 279 25.18 -19.61 -47.20
N SER B 280 25.15 -20.94 -47.06
CA SER B 280 24.90 -21.83 -48.19
C SER B 280 23.43 -22.25 -48.17
N ILE B 281 22.59 -21.34 -48.68
CA ILE B 281 21.15 -21.59 -48.69
C ILE B 281 20.82 -22.62 -49.75
N SER B 282 20.11 -23.68 -49.34
CA SER B 282 19.69 -24.75 -50.23
C SER B 282 18.17 -24.72 -50.36
N VAL B 283 17.69 -25.00 -51.56
CA VAL B 283 16.25 -24.98 -51.80
C VAL B 283 15.59 -26.13 -51.03
N SER B 284 14.59 -25.78 -50.23
CA SER B 284 13.84 -26.76 -49.45
C SER B 284 12.56 -27.12 -50.19
N GLY B 285 11.77 -28.03 -49.62
CA GLY B 285 10.51 -28.41 -50.23
C GLY B 285 9.52 -27.25 -50.22
N GLN B 286 8.77 -27.14 -51.30
CA GLN B 286 7.77 -26.07 -51.46
C GLN B 286 6.40 -26.63 -51.08
N ASN B 287 5.90 -26.24 -49.92
CA ASN B 287 4.59 -26.67 -49.46
C ASN B 287 3.49 -25.95 -50.24
N SER B 288 2.39 -26.66 -50.47
CA SER B 288 1.27 -26.14 -51.24
C SER B 288 -0.01 -26.26 -50.43
N LEU B 289 -0.92 -25.33 -50.67
CA LEU B 289 -2.19 -25.26 -49.97
C LEU B 289 -3.24 -24.61 -50.87
N CYS B 290 -4.51 -24.89 -50.57
CA CYS B 290 -5.61 -24.54 -51.46
C CYS B 290 -6.37 -23.29 -51.04
N HIS B 291 -6.92 -23.26 -49.83
CA HIS B 291 -7.85 -22.22 -49.41
C HIS B 291 -7.09 -20.96 -48.99
N GLN B 292 -7.80 -20.04 -48.34
CA GLN B 292 -7.19 -18.80 -47.85
C GLN B 292 -6.74 -18.97 -46.40
N ILE B 293 -5.87 -18.07 -45.97
CA ILE B 293 -5.28 -18.10 -44.63
C ILE B 293 -5.83 -16.93 -43.82
N THR B 294 -6.25 -17.23 -42.59
CA THR B 294 -6.65 -16.20 -41.64
C THR B 294 -5.58 -15.92 -40.60
N ALA B 295 -4.98 -16.95 -40.00
CA ALA B 295 -3.90 -16.77 -39.05
C ALA B 295 -3.05 -18.03 -39.05
N ALA B 296 -1.82 -17.89 -38.56
CA ALA B 296 -0.87 -19.00 -38.52
C ALA B 296 -0.03 -18.91 -37.26
N CYS B 297 0.47 -20.07 -36.84
CA CYS B 297 1.29 -20.16 -35.64
C CYS B 297 2.48 -21.08 -35.91
N LYS B 298 3.56 -20.84 -35.19
CA LYS B 298 4.79 -21.61 -35.32
C LYS B 298 5.07 -22.29 -33.97
N HIS B 299 4.84 -23.59 -33.91
CA HIS B 299 5.08 -24.38 -32.72
C HIS B 299 6.07 -25.50 -33.06
N GLY B 300 7.15 -25.59 -32.29
CA GLY B 300 8.15 -26.61 -32.49
C GLY B 300 8.73 -26.62 -33.90
N GLY B 301 8.42 -27.67 -34.65
CA GLY B 301 8.88 -27.79 -36.02
C GLY B 301 7.74 -28.04 -37.00
N ASP B 302 6.53 -27.62 -36.63
CA ASP B 302 5.36 -27.79 -37.47
C ASP B 302 4.57 -26.50 -37.52
N LEU B 303 3.80 -26.32 -38.59
CA LEU B 303 3.03 -25.11 -38.83
C LEU B 303 1.54 -25.41 -38.67
N TYR B 304 0.87 -24.60 -37.86
CA TYR B 304 -0.57 -24.69 -37.65
C TYR B 304 -1.22 -23.54 -38.42
N VAL B 305 -2.05 -23.89 -39.40
CA VAL B 305 -2.68 -22.91 -40.28
C VAL B 305 -4.18 -22.93 -40.04
N VAL B 306 -4.75 -21.75 -39.79
CA VAL B 306 -6.20 -21.58 -39.65
C VAL B 306 -6.67 -20.68 -40.78
N GLY B 307 -7.92 -20.84 -41.19
CA GLY B 307 -8.45 -20.02 -42.26
C GLY B 307 -9.37 -20.80 -43.17
N GLY B 308 -9.36 -20.44 -44.44
CA GLY B 308 -10.21 -21.06 -45.43
C GLY B 308 -11.57 -20.39 -45.52
N SER B 309 -12.49 -21.09 -46.18
CA SER B 309 -13.85 -20.59 -46.32
C SER B 309 -14.52 -20.47 -44.96
N ILE B 310 -14.31 -21.45 -44.09
CA ILE B 310 -14.87 -21.46 -42.73
C ILE B 310 -13.72 -21.28 -41.75
N PRO B 311 -13.76 -20.27 -40.88
CA PRO B 311 -12.59 -19.98 -40.01
C PRO B 311 -12.23 -21.11 -39.06
N ARG B 312 -13.13 -22.05 -38.78
CA ARG B 312 -12.87 -23.10 -37.81
C ARG B 312 -11.95 -24.19 -38.34
N ARG B 313 -11.55 -24.13 -39.61
CA ARG B 313 -10.74 -25.15 -40.22
C ARG B 313 -9.31 -25.08 -39.68
N MET B 314 -8.81 -26.21 -39.19
CA MET B 314 -7.46 -26.31 -38.63
C MET B 314 -6.65 -27.26 -39.52
N TRP B 315 -6.01 -26.70 -40.54
CA TRP B 315 -5.16 -27.47 -41.46
C TRP B 315 -3.74 -27.44 -40.95
N LYS B 316 -3.36 -28.42 -40.14
CA LYS B 316 -2.00 -28.53 -39.63
C LYS B 316 -1.07 -29.02 -40.72
N CYS B 317 0.06 -28.33 -40.88
CA CYS B 317 1.08 -28.69 -41.84
C CYS B 317 2.34 -29.14 -41.10
N ASN B 318 3.39 -29.44 -41.86
CA ASN B 318 4.66 -29.86 -41.29
C ASN B 318 5.76 -29.59 -42.30
N ASN B 319 6.97 -30.04 -41.98
CA ASN B 319 8.13 -29.73 -42.81
C ASN B 319 8.11 -30.52 -44.11
N ALA B 320 8.13 -31.85 -44.03
CA ALA B 320 8.22 -32.70 -45.20
C ALA B 320 7.26 -33.88 -45.09
N THR B 321 6.07 -33.63 -44.53
CA THR B 321 5.05 -34.67 -44.44
C THR B 321 3.87 -34.46 -45.38
N VAL B 322 3.74 -33.27 -45.97
CA VAL B 322 2.71 -32.89 -46.94
C VAL B 322 1.33 -33.35 -46.48
N ASP B 323 1.12 -33.36 -45.16
CA ASP B 323 -0.15 -33.76 -44.57
C ASP B 323 -0.89 -32.54 -44.04
N TRP B 324 -2.19 -32.46 -44.32
CA TRP B 324 -3.06 -31.36 -43.90
C TRP B 324 -4.26 -31.90 -43.14
N GLU B 325 -4.01 -32.80 -42.18
CA GLU B 325 -5.10 -33.44 -41.44
C GLU B 325 -5.94 -32.39 -40.73
N TRP B 326 -7.26 -32.55 -40.82
CA TRP B 326 -8.21 -31.61 -40.25
C TRP B 326 -8.53 -32.00 -38.81
N CYS B 327 -8.33 -31.07 -37.89
CA CYS B 327 -8.56 -31.29 -36.47
C CYS B 327 -9.93 -30.75 -36.08
N ALA B 328 -10.20 -30.73 -34.77
CA ALA B 328 -11.50 -30.30 -34.28
C ALA B 328 -11.72 -28.83 -34.58
N PRO B 329 -12.89 -28.45 -35.09
CA PRO B 329 -13.17 -27.04 -35.36
C PRO B 329 -13.31 -26.24 -34.08
N LEU B 330 -13.00 -24.95 -34.18
CA LEU B 330 -13.13 -24.06 -33.03
C LEU B 330 -14.61 -23.81 -32.73
N PRO B 331 -15.05 -24.01 -31.48
CA PRO B 331 -16.47 -23.77 -31.18
C PRO B 331 -16.92 -22.34 -31.41
N ARG B 332 -16.05 -21.37 -31.19
CA ARG B 332 -16.36 -19.95 -31.39
C ARG B 332 -15.56 -19.44 -32.58
N ASP B 333 -16.26 -19.12 -33.67
CA ASP B 333 -15.59 -18.66 -34.88
C ASP B 333 -15.12 -17.22 -34.73
N ARG B 334 -13.86 -16.98 -35.07
CA ARG B 334 -13.25 -15.66 -35.00
C ARG B 334 -12.49 -15.41 -36.30
N LEU B 335 -12.36 -14.14 -36.65
CA LEU B 335 -11.61 -13.73 -37.83
C LEU B 335 -10.50 -12.76 -37.41
N GLN B 336 -9.32 -12.93 -38.01
CA GLN B 336 -8.17 -12.08 -37.76
C GLN B 336 -7.83 -12.04 -36.27
N HIS B 337 -7.49 -13.23 -35.75
CA HIS B 337 -7.09 -13.37 -34.36
C HIS B 337 -5.59 -13.64 -34.27
N THR B 338 -5.09 -13.70 -33.05
CA THR B 338 -3.66 -13.85 -32.79
C THR B 338 -3.36 -15.27 -32.32
N LEU B 339 -2.39 -15.92 -32.96
CA LEU B 339 -1.96 -17.26 -32.60
C LEU B 339 -0.52 -17.20 -32.09
N VAL B 340 -0.31 -17.71 -30.88
CA VAL B 340 1.01 -17.74 -30.26
C VAL B 340 1.25 -19.15 -29.71
N SER B 341 2.52 -19.56 -29.67
CA SER B 341 2.85 -20.91 -29.14
C SER B 341 3.64 -20.76 -27.84
N VAL B 342 3.06 -21.20 -26.72
CA VAL B 342 3.80 -21.21 -25.43
C VAL B 342 4.14 -22.65 -25.10
N PRO B 343 5.32 -23.17 -25.53
CA PRO B 343 5.66 -24.58 -25.31
C PRO B 343 5.41 -25.04 -23.87
N GLY B 344 5.54 -24.14 -22.90
CA GLY B 344 5.29 -24.49 -21.48
C GLY B 344 4.17 -25.51 -21.34
N LYS B 345 3.03 -25.27 -21.97
CA LYS B 345 1.87 -26.19 -21.88
C LYS B 345 1.48 -26.70 -23.28
N ASP B 346 2.46 -26.86 -24.18
CA ASP B 346 2.20 -27.35 -25.53
C ASP B 346 0.82 -26.88 -26.00
N ALA B 347 0.68 -25.56 -26.13
CA ALA B 347 -0.60 -24.94 -26.41
C ALA B 347 -0.46 -23.95 -27.55
N ILE B 348 -1.60 -23.67 -28.20
CA ILE B 348 -1.67 -22.80 -29.37
C ILE B 348 -2.62 -21.65 -29.08
N TYR B 349 -2.57 -21.14 -27.84
CA TYR B 349 -3.45 -20.08 -27.34
C TYR B 349 -3.82 -19.07 -28.41
N SER B 350 -5.12 -18.89 -28.62
CA SER B 350 -5.65 -17.96 -29.61
C SER B 350 -6.36 -16.82 -28.88
N LEU B 351 -5.59 -15.79 -28.56
CA LEU B 351 -6.12 -14.66 -27.82
C LEU B 351 -6.71 -13.61 -28.74
N GLY B 352 -7.84 -13.03 -28.32
CA GLY B 352 -8.50 -11.99 -29.09
C GLY B 352 -9.20 -12.53 -30.32
N GLY B 353 -9.62 -11.60 -31.18
CA GLY B 353 -10.24 -11.94 -32.45
C GLY B 353 -11.36 -10.99 -32.79
N LYS B 354 -12.00 -11.24 -33.93
CA LYS B 354 -13.09 -10.41 -34.44
C LYS B 354 -14.27 -11.31 -34.74
N THR B 355 -15.46 -10.87 -34.36
CA THR B 355 -16.69 -11.61 -34.64
C THR B 355 -17.48 -10.95 -35.76
N LEU B 356 -18.11 -11.78 -36.59
CA LEU B 356 -18.84 -11.27 -37.73
C LEU B 356 -20.18 -10.66 -37.36
N GLN B 357 -20.68 -10.92 -36.15
CA GLN B 357 -22.00 -10.44 -35.77
C GLN B 357 -21.92 -9.07 -35.11
N ASP B 358 -21.26 -8.12 -35.78
CA ASP B 358 -21.15 -6.74 -35.31
C ASP B 358 -20.65 -6.66 -33.87
N THR B 359 -19.66 -7.51 -33.56
CA THR B 359 -19.08 -7.56 -32.22
C THR B 359 -17.68 -8.13 -32.33
N LEU B 360 -16.98 -8.14 -31.20
CA LEU B 360 -15.60 -8.61 -31.14
C LEU B 360 -15.49 -9.73 -30.11
N SER B 361 -14.67 -10.73 -30.43
CA SER B 361 -14.50 -11.87 -29.54
C SER B 361 -13.40 -11.60 -28.51
N ASN B 362 -13.57 -12.19 -27.32
CA ASN B 362 -12.59 -12.07 -26.26
C ASN B 362 -12.21 -13.42 -25.66
N ALA B 363 -12.72 -14.52 -26.19
CA ALA B 363 -12.42 -15.83 -25.65
C ALA B 363 -11.07 -16.34 -26.17
N VAL B 364 -10.57 -17.39 -25.53
CA VAL B 364 -9.33 -18.04 -25.92
C VAL B 364 -9.61 -19.53 -26.06
N ILE B 365 -8.98 -20.16 -27.06
CA ILE B 365 -9.05 -21.60 -27.27
C ILE B 365 -7.65 -22.10 -27.59
N TYR B 366 -7.09 -22.92 -26.70
CA TYR B 366 -5.74 -23.44 -26.88
C TYR B 366 -5.85 -24.91 -27.29
N TYR B 367 -5.74 -25.15 -28.60
CA TYR B 367 -5.80 -26.49 -29.13
C TYR B 367 -4.51 -27.24 -28.81
N ARG B 368 -4.63 -28.34 -28.06
CA ARG B 368 -3.48 -29.14 -27.70
C ARG B 368 -3.10 -30.07 -28.86
N VAL B 369 -2.22 -31.03 -28.58
CA VAL B 369 -1.84 -32.03 -29.56
C VAL B 369 -2.30 -33.43 -29.18
N GLY B 370 -2.13 -33.83 -27.92
CA GLY B 370 -2.55 -35.16 -27.50
C GLY B 370 -3.90 -35.16 -26.79
N ASP B 371 -4.45 -33.98 -26.55
CA ASP B 371 -5.72 -33.85 -25.84
C ASP B 371 -6.84 -33.25 -26.67
N ASN B 372 -6.54 -32.23 -27.48
CA ASN B 372 -7.54 -31.56 -28.32
C ASN B 372 -8.69 -31.02 -27.49
N VAL B 373 -8.36 -30.14 -26.55
CA VAL B 373 -9.35 -29.57 -25.64
C VAL B 373 -9.77 -28.19 -26.16
N TRP B 374 -10.91 -27.71 -25.66
CA TRP B 374 -11.48 -26.43 -26.07
C TRP B 374 -11.75 -25.53 -24.88
N THR B 375 -10.96 -25.67 -23.81
CA THR B 375 -11.23 -24.95 -22.57
C THR B 375 -11.09 -23.45 -22.78
N GLU B 376 -12.01 -22.69 -22.19
CA GLU B 376 -11.98 -21.23 -22.20
C GLU B 376 -11.73 -20.73 -20.79
N THR B 377 -10.65 -19.98 -20.61
CA THR B 377 -10.29 -19.41 -19.32
C THR B 377 -10.81 -17.97 -19.25
N THR B 378 -10.38 -17.25 -18.21
CA THR B 378 -10.85 -15.89 -17.99
C THR B 378 -10.48 -14.98 -19.17
N GLN B 379 -11.39 -14.06 -19.48
CA GLN B 379 -11.21 -13.16 -20.60
C GLN B 379 -10.22 -12.05 -20.24
N LEU B 380 -9.96 -11.16 -21.20
CA LEU B 380 -9.04 -10.07 -21.00
C LEU B 380 -9.74 -8.92 -20.28
N GLU B 381 -9.02 -7.82 -20.03
CA GLU B 381 -9.58 -6.64 -19.38
C GLU B 381 -9.99 -5.56 -20.36
N VAL B 382 -9.22 -5.37 -21.44
CA VAL B 382 -9.53 -4.39 -22.46
C VAL B 382 -9.59 -5.10 -23.80
N ALA B 383 -10.67 -4.87 -24.54
CA ALA B 383 -10.89 -5.56 -25.80
C ALA B 383 -9.85 -5.13 -26.84
N VAL B 384 -9.38 -6.09 -27.63
CA VAL B 384 -8.40 -5.83 -28.68
C VAL B 384 -8.55 -6.90 -29.76
N SER B 385 -8.33 -6.51 -31.01
CA SER B 385 -8.41 -7.43 -32.13
C SER B 385 -7.41 -7.00 -33.20
N GLY B 386 -7.00 -7.98 -34.02
CA GLY B 386 -6.01 -7.72 -35.06
C GLY B 386 -4.67 -7.28 -34.54
N ALA B 387 -4.26 -7.79 -33.38
CA ALA B 387 -3.00 -7.43 -32.74
C ALA B 387 -1.93 -8.46 -33.08
N ALA B 388 -0.79 -8.36 -32.41
CA ALA B 388 0.29 -9.32 -32.52
C ALA B 388 0.64 -9.83 -31.12
N GLY B 389 1.12 -11.08 -31.07
CA GLY B 389 1.43 -11.70 -29.80
C GLY B 389 2.81 -12.34 -29.82
N ALA B 390 3.46 -12.31 -28.66
CA ALA B 390 4.76 -12.92 -28.48
C ALA B 390 4.83 -13.53 -27.08
N ASN B 391 5.34 -14.76 -27.01
CA ASN B 391 5.44 -15.48 -25.75
C ASN B 391 6.82 -15.29 -25.15
N LEU B 392 6.88 -15.18 -23.82
CA LEU B 392 8.13 -14.99 -23.10
C LEU B 392 8.06 -15.77 -21.80
N ASN B 393 8.94 -16.76 -21.66
CA ASN B 393 9.07 -17.61 -20.46
C ASN B 393 7.71 -18.11 -19.95
N GLY B 394 6.76 -18.26 -20.87
CA GLY B 394 5.41 -18.68 -20.55
C GLY B 394 4.41 -17.55 -20.53
N ILE B 395 4.84 -16.36 -20.07
CA ILE B 395 3.95 -15.21 -20.04
C ILE B 395 3.69 -14.72 -21.46
N ILE B 396 2.41 -14.46 -21.76
CA ILE B 396 1.96 -14.08 -23.10
C ILE B 396 1.67 -12.59 -23.10
N TYR B 397 2.26 -11.87 -24.04
CA TYR B 397 2.04 -10.44 -24.21
C TYR B 397 1.19 -10.18 -25.44
N LEU B 398 0.13 -9.40 -25.27
CA LEU B 398 -0.71 -8.91 -26.36
C LEU B 398 -0.42 -7.42 -26.53
N LEU B 399 0.14 -7.06 -27.69
CA LEU B 399 0.55 -5.68 -27.96
C LEU B 399 -0.06 -5.19 -29.26
N GLY B 400 -0.32 -3.89 -29.32
CA GLY B 400 -0.86 -3.28 -30.52
C GLY B 400 -2.32 -3.65 -30.76
N GLY B 401 -2.69 -3.61 -32.03
CA GLY B 401 -4.05 -3.92 -32.45
C GLY B 401 -4.91 -2.68 -32.56
N GLU B 402 -6.21 -2.93 -32.69
CA GLU B 402 -7.20 -1.87 -32.84
C GLU B 402 -8.38 -2.13 -31.93
N GLU B 403 -9.00 -1.05 -31.46
CA GLU B 403 -10.16 -1.12 -30.59
C GLU B 403 -11.18 -0.08 -31.02
N ASN B 404 -12.43 -0.48 -31.09
CA ASN B 404 -13.53 0.39 -31.49
C ASN B 404 -14.37 0.77 -30.28
N ASP B 405 -15.28 1.72 -30.49
CA ASP B 405 -16.13 2.22 -29.43
C ASP B 405 -17.51 2.51 -29.99
N LEU B 406 -18.45 2.81 -29.09
CA LEU B 406 -19.83 3.10 -29.49
C LEU B 406 -19.97 4.38 -30.28
N ASP B 407 -18.94 5.23 -30.31
CA ASP B 407 -18.97 6.47 -31.07
C ASP B 407 -18.61 6.28 -32.53
N PHE B 408 -18.30 5.05 -32.94
CA PHE B 408 -17.92 4.74 -34.33
C PHE B 408 -16.68 5.54 -34.74
N PHE B 409 -15.63 5.45 -33.93
CA PHE B 409 -14.38 6.15 -34.17
C PHE B 409 -13.27 5.11 -34.31
N THR B 410 -12.47 5.23 -35.37
CA THR B 410 -11.36 4.31 -35.63
C THR B 410 -10.15 4.80 -34.84
N LYS B 411 -10.20 4.56 -33.52
CA LYS B 411 -9.14 5.02 -32.63
C LYS B 411 -8.08 3.93 -32.50
N PRO B 412 -6.83 4.19 -32.88
CA PRO B 412 -5.78 3.18 -32.69
C PRO B 412 -5.57 2.88 -31.21
N SER B 413 -5.23 1.63 -30.92
CA SER B 413 -5.03 1.17 -29.55
C SER B 413 -3.54 1.06 -29.25
N ARG B 414 -3.10 1.73 -28.18
CA ARG B 414 -1.71 1.72 -27.76
C ARG B 414 -1.53 0.98 -26.44
N LEU B 415 -2.47 0.10 -26.11
CA LEU B 415 -2.47 -0.59 -24.83
C LEU B 415 -1.83 -1.96 -24.97
N ILE B 416 -1.01 -2.33 -23.98
CA ILE B 416 -0.32 -3.61 -23.95
C ILE B 416 -0.99 -4.49 -22.90
N GLN B 417 -1.22 -5.76 -23.23
CA GLN B 417 -1.86 -6.70 -22.35
C GLN B 417 -0.91 -7.87 -22.07
N CYS B 418 -0.93 -8.34 -20.82
CA CYS B 418 -0.13 -9.50 -20.41
C CYS B 418 -1.06 -10.63 -20.02
N PHE B 419 -0.70 -11.85 -20.41
CA PHE B 419 -1.49 -13.04 -20.11
C PHE B 419 -0.62 -13.93 -19.21
N ASP B 420 -0.91 -13.91 -17.91
CA ASP B 420 -0.10 -14.65 -16.96
C ASP B 420 -0.21 -16.16 -17.21
N THR B 421 0.88 -16.86 -16.89
CA THR B 421 0.96 -18.30 -17.08
C THR B 421 0.78 -19.07 -15.78
N GLU B 422 0.77 -18.39 -14.64
CA GLU B 422 0.66 -19.05 -13.35
C GLU B 422 -0.59 -18.64 -12.58
N THR B 423 -0.87 -17.34 -12.49
CA THR B 423 -2.00 -16.85 -11.70
C THR B 423 -3.21 -16.46 -12.54
N ASP B 424 -3.05 -16.29 -13.84
CA ASP B 424 -4.13 -15.84 -14.72
C ASP B 424 -4.72 -14.52 -14.23
N LYS B 425 -3.87 -13.50 -14.23
CA LYS B 425 -4.18 -12.19 -13.68
C LYS B 425 -3.95 -11.11 -14.73
N CYS B 426 -4.53 -11.30 -15.91
CA CYS B 426 -4.36 -10.36 -17.02
C CYS B 426 -4.75 -8.94 -16.58
N HIS B 427 -3.87 -7.99 -16.86
CA HIS B 427 -4.07 -6.62 -16.43
C HIS B 427 -3.30 -5.68 -17.36
N VAL B 428 -3.76 -4.44 -17.41
CA VAL B 428 -3.12 -3.44 -18.27
C VAL B 428 -1.88 -2.88 -17.55
N LYS B 429 -0.95 -2.37 -18.35
CA LYS B 429 0.27 -1.81 -17.80
C LYS B 429 0.18 -0.29 -17.73
N PRO B 430 0.84 0.34 -16.76
CA PRO B 430 0.72 1.79 -16.60
C PRO B 430 1.54 2.59 -17.59
N TYR B 431 1.48 2.23 -18.88
CA TYR B 431 2.16 2.97 -19.93
C TYR B 431 1.56 2.55 -21.26
N VAL B 432 2.00 3.23 -22.32
CA VAL B 432 1.52 2.98 -23.67
C VAL B 432 2.71 2.87 -24.62
N LEU B 433 2.49 2.19 -25.74
CA LEU B 433 3.50 2.07 -26.77
C LEU B 433 3.70 3.41 -27.47
N PRO B 434 4.89 3.66 -28.03
CA PRO B 434 5.11 4.92 -28.74
C PRO B 434 4.21 5.11 -29.95
N PHE B 435 3.68 4.03 -30.52
CA PHE B 435 2.81 4.12 -31.69
C PHE B 435 1.70 3.09 -31.55
N ALA B 436 0.91 2.93 -32.60
CA ALA B 436 -0.21 2.00 -32.60
C ALA B 436 -0.55 1.63 -34.04
N GLY B 437 -1.34 0.57 -34.18
CA GLY B 437 -1.75 0.10 -35.48
C GLY B 437 -1.62 -1.40 -35.65
N ARG B 438 -1.21 -1.85 -36.83
CA ARG B 438 -0.97 -3.26 -37.11
C ARG B 438 0.54 -3.45 -37.04
N MET B 439 0.99 -4.26 -36.08
CA MET B 439 2.41 -4.48 -35.85
C MET B 439 2.73 -5.96 -35.87
N HIS B 440 4.03 -6.26 -35.93
CA HIS B 440 4.53 -7.63 -35.86
C HIS B 440 5.60 -7.70 -34.78
N ALA B 441 5.55 -8.76 -33.98
CA ALA B 441 6.47 -8.94 -32.87
C ALA B 441 7.12 -10.32 -32.97
N ALA B 442 8.38 -10.38 -32.52
CA ALA B 442 9.13 -11.64 -32.51
C ALA B 442 10.17 -11.55 -31.42
N VAL B 443 10.07 -12.43 -30.43
CA VAL B 443 10.98 -12.36 -29.29
C VAL B 443 12.41 -12.63 -29.73
N HIS B 444 13.35 -12.11 -28.93
CA HIS B 444 14.77 -12.33 -29.19
C HIS B 444 15.50 -12.24 -27.86
N LYS B 445 16.11 -13.35 -27.44
CA LYS B 445 16.73 -13.47 -26.12
C LYS B 445 15.70 -13.13 -25.04
N ASP B 446 15.88 -11.98 -24.39
CA ASP B 446 14.95 -11.51 -23.37
C ASP B 446 14.15 -10.29 -23.82
N LEU B 447 14.23 -9.92 -25.09
CA LEU B 447 13.55 -8.75 -25.62
C LEU B 447 12.37 -9.16 -26.50
N VAL B 448 11.44 -8.22 -26.67
CA VAL B 448 10.27 -8.41 -27.52
C VAL B 448 10.29 -7.27 -28.54
N PHE B 449 10.87 -7.52 -29.71
CA PHE B 449 10.97 -6.49 -30.73
C PHE B 449 9.60 -6.13 -31.29
N ILE B 450 9.42 -4.87 -31.64
CA ILE B 450 8.17 -4.34 -32.17
C ILE B 450 8.47 -3.58 -33.45
N VAL B 451 7.70 -3.84 -34.51
CA VAL B 451 7.83 -3.14 -35.78
C VAL B 451 6.47 -2.57 -36.15
N ALA B 452 6.41 -1.26 -36.35
CA ALA B 452 5.19 -0.58 -36.74
C ALA B 452 5.22 -0.27 -38.23
N GLU B 453 4.25 0.52 -38.70
CA GLU B 453 4.18 0.91 -40.10
C GLU B 453 5.25 1.97 -40.36
N GLY B 454 6.47 1.51 -40.63
CA GLY B 454 7.57 2.42 -40.88
C GLY B 454 8.88 1.97 -40.24
N ASP B 455 9.89 2.84 -40.29
CA ASP B 455 11.20 2.53 -39.70
C ASP B 455 11.20 3.03 -38.26
N SER B 456 10.48 2.29 -37.41
CA SER B 456 10.25 2.69 -36.03
C SER B 456 10.48 1.51 -35.08
N LEU B 457 11.61 0.84 -35.23
CA LEU B 457 11.93 -0.29 -34.37
C LEU B 457 11.89 0.10 -32.90
N VAL B 458 11.22 -0.71 -32.09
CA VAL B 458 11.11 -0.50 -30.66
C VAL B 458 11.39 -1.82 -29.95
N CYS B 459 12.31 -1.79 -29.00
CA CYS B 459 12.68 -2.96 -28.22
C CYS B 459 11.98 -2.91 -26.86
N TYR B 460 11.20 -3.95 -26.55
CA TYR B 460 10.48 -4.03 -25.30
C TYR B 460 11.32 -4.75 -24.25
N ASN B 461 10.97 -4.55 -22.99
CA ASN B 461 11.65 -5.22 -21.87
C ASN B 461 10.67 -5.31 -20.71
N PRO B 462 10.01 -6.46 -20.55
CA PRO B 462 9.05 -6.59 -19.43
C PRO B 462 9.68 -6.42 -18.06
N LEU B 463 10.93 -6.87 -17.87
CA LEU B 463 11.54 -6.79 -16.55
C LEU B 463 11.82 -5.36 -16.14
N LEU B 464 12.45 -4.58 -17.02
CA LEU B 464 12.74 -3.18 -16.73
C LEU B 464 11.57 -2.26 -17.05
N ASP B 465 10.55 -2.78 -17.74
CA ASP B 465 9.33 -2.01 -18.05
C ASP B 465 9.67 -0.72 -18.80
N SER B 466 10.52 -0.86 -19.82
CA SER B 466 10.98 0.30 -20.58
C SER B 466 11.11 -0.07 -22.05
N PHE B 467 11.19 0.96 -22.89
CA PHE B 467 11.28 0.81 -24.34
C PHE B 467 12.61 1.35 -24.84
N THR B 468 12.82 1.21 -26.15
CA THR B 468 14.02 1.72 -26.82
C THR B 468 13.75 1.76 -28.32
N ARG B 469 13.90 2.93 -28.91
CA ARG B 469 13.74 3.09 -30.35
C ARG B 469 15.12 3.18 -31.01
N LEU B 470 15.15 3.36 -32.32
CA LEU B 470 16.40 3.52 -33.05
C LEU B 470 16.50 4.83 -33.83
N CYS B 471 15.42 5.61 -33.90
CA CYS B 471 15.41 6.90 -34.62
C CYS B 471 15.86 6.73 -36.07
N LEU B 472 15.34 5.68 -36.71
CA LEU B 472 15.70 5.39 -38.09
C LEU B 472 15.09 6.43 -39.03
N PRO B 473 15.90 7.05 -39.89
CA PRO B 473 15.35 8.02 -40.85
C PRO B 473 14.41 7.37 -41.84
N GLU B 474 13.44 8.16 -42.31
CA GLU B 474 12.43 7.68 -43.24
C GLU B 474 12.87 7.78 -44.70
N ALA B 475 14.16 7.98 -44.95
CA ALA B 475 14.66 8.07 -46.31
C ALA B 475 14.63 6.75 -47.06
N TRP B 476 14.40 5.64 -46.37
CA TRP B 476 14.38 4.32 -46.99
C TRP B 476 12.98 3.87 -47.39
N SER B 477 11.99 4.15 -46.54
CA SER B 477 10.60 3.77 -46.81
C SER B 477 9.94 4.88 -47.62
N SER B 478 10.23 4.88 -48.92
CA SER B 478 9.64 5.87 -49.81
C SER B 478 8.13 5.71 -49.88
N ALA B 479 7.66 4.47 -49.97
CA ALA B 479 6.23 4.18 -50.00
C ALA B 479 5.82 3.48 -48.72
N PRO B 480 4.75 3.92 -48.06
CA PRO B 480 4.33 3.27 -46.80
C PRO B 480 3.85 1.85 -47.06
N SER B 481 4.54 0.89 -46.45
CA SER B 481 4.20 -0.52 -46.62
C SER B 481 4.41 -1.25 -45.30
N LEU B 482 3.71 -2.37 -45.14
CA LEU B 482 3.84 -3.16 -43.93
C LEU B 482 5.21 -3.82 -43.86
N TRP B 483 5.76 -3.91 -42.66
CA TRP B 483 7.02 -4.59 -42.41
C TRP B 483 6.80 -5.74 -41.44
N LYS B 484 7.39 -6.88 -41.75
CA LYS B 484 7.28 -8.08 -40.91
C LYS B 484 8.67 -8.47 -40.42
N ILE B 485 8.73 -8.90 -39.16
CA ILE B 485 9.98 -9.16 -38.46
C ILE B 485 9.99 -10.61 -37.98
N ALA B 486 11.08 -11.32 -38.23
CA ALA B 486 11.26 -12.69 -37.76
C ALA B 486 12.66 -12.83 -37.18
N SER B 487 12.75 -13.47 -36.02
CA SER B 487 14.01 -13.63 -35.30
C SER B 487 14.32 -15.10 -35.11
N CYS B 488 15.54 -15.50 -35.50
CA CYS B 488 15.98 -16.88 -35.33
C CYS B 488 17.50 -16.91 -35.28
N ASN B 489 18.04 -17.85 -34.50
CA ASN B 489 19.48 -18.06 -34.37
C ASN B 489 20.21 -16.79 -33.94
N GLY B 490 19.54 -16.00 -33.10
CA GLY B 490 20.16 -14.78 -32.57
C GLY B 490 20.50 -13.75 -33.63
N SER B 491 19.61 -13.56 -34.61
CA SER B 491 19.86 -12.58 -35.67
C SER B 491 18.51 -12.17 -36.24
N ILE B 492 18.16 -10.89 -36.07
CA ILE B 492 16.86 -10.41 -36.50
C ILE B 492 16.80 -10.37 -38.03
N TYR B 493 15.70 -10.86 -38.58
CA TYR B 493 15.43 -10.78 -40.01
C TYR B 493 14.19 -9.94 -40.24
N VAL B 494 14.30 -8.96 -41.13
CA VAL B 494 13.20 -8.06 -41.46
C VAL B 494 12.89 -8.21 -42.94
N PHE B 495 11.63 -8.47 -43.26
CA PHE B 495 11.20 -8.74 -44.62
C PHE B 495 10.31 -7.61 -45.13
N ARG B 496 10.65 -7.07 -46.29
CA ARG B 496 9.85 -6.02 -46.91
C ARG B 496 8.74 -6.63 -47.77
N ASP B 497 7.58 -5.98 -47.76
CA ASP B 497 6.39 -6.48 -48.43
C ASP B 497 6.01 -5.55 -49.57
N ARG B 498 5.46 -6.15 -50.62
CA ARG B 498 4.89 -5.41 -51.76
C ARG B 498 5.92 -4.51 -52.43
N TYR B 499 6.95 -5.14 -53.00
CA TYR B 499 7.93 -4.43 -53.79
C TYR B 499 7.41 -4.22 -55.21
N LYS B 500 7.94 -3.19 -55.87
CA LYS B 500 7.50 -2.81 -57.21
C LYS B 500 8.32 -3.55 -58.28
N LYS B 501 8.17 -4.88 -58.28
CA LYS B 501 8.78 -5.76 -59.27
C LYS B 501 10.30 -5.55 -59.34
N GLY B 502 10.95 -5.89 -58.23
CA GLY B 502 12.39 -5.75 -58.14
C GLY B 502 13.06 -6.84 -57.34
N ASP B 503 14.27 -6.57 -56.86
CA ASP B 503 15.03 -7.55 -56.10
C ASP B 503 14.37 -7.80 -54.74
N ALA B 504 14.45 -9.06 -54.29
CA ALA B 504 13.90 -9.42 -52.99
C ALA B 504 14.70 -8.76 -51.88
N ASN B 505 14.02 -8.49 -50.76
CA ASN B 505 14.61 -7.81 -49.62
C ASN B 505 14.57 -8.73 -48.41
N THR B 506 15.75 -9.15 -47.95
CA THR B 506 15.90 -10.02 -46.79
C THR B 506 16.89 -9.40 -45.82
N TYR B 507 16.68 -8.13 -45.50
CA TYR B 507 17.62 -7.38 -44.67
C TYR B 507 17.84 -8.07 -43.32
N LYS B 508 19.11 -8.16 -42.93
CA LYS B 508 19.50 -8.64 -41.62
C LYS B 508 19.68 -7.44 -40.70
N LEU B 509 19.19 -7.57 -39.46
CA LEU B 509 19.06 -6.45 -38.54
C LEU B 509 19.76 -6.78 -37.22
N ASP B 510 21.03 -7.20 -37.31
CA ASP B 510 21.87 -7.44 -36.15
C ASP B 510 21.76 -6.28 -35.18
N PRO B 511 21.16 -6.48 -34.01
CA PRO B 511 20.76 -5.34 -33.16
C PRO B 511 21.90 -4.71 -32.37
N ALA B 512 23.10 -5.28 -32.39
CA ALA B 512 24.22 -4.66 -31.67
C ALA B 512 24.55 -3.29 -32.27
N THR B 513 24.75 -3.24 -33.59
CA THR B 513 24.92 -2.00 -34.32
C THR B 513 24.10 -2.09 -35.59
N SER B 514 23.55 -0.95 -36.03
CA SER B 514 22.71 -0.96 -37.22
C SER B 514 23.54 -1.36 -38.44
N ALA B 515 23.35 -2.59 -38.90
CA ALA B 515 24.17 -3.20 -39.94
C ALA B 515 23.30 -3.89 -40.98
N VAL B 516 22.31 -3.19 -41.49
CA VAL B 516 21.41 -3.75 -42.49
C VAL B 516 22.17 -4.08 -43.77
N THR B 517 22.28 -5.37 -44.09
CA THR B 517 22.92 -5.84 -45.31
C THR B 517 21.99 -6.81 -46.02
N VAL B 518 21.90 -6.68 -47.34
CA VAL B 518 21.10 -7.60 -48.13
C VAL B 518 21.82 -8.94 -48.25
N THR B 519 21.09 -10.02 -47.95
CA THR B 519 21.65 -11.37 -48.04
C THR B 519 21.53 -11.86 -49.48
N ARG B 520 21.75 -13.16 -49.68
CA ARG B 520 21.68 -13.74 -51.01
C ARG B 520 20.28 -13.59 -51.59
N GLY B 521 20.22 -13.31 -52.90
CA GLY B 521 18.94 -13.11 -53.56
C GLY B 521 18.26 -14.41 -53.95
N ILE B 522 17.70 -15.10 -52.96
CA ILE B 522 16.97 -16.34 -53.22
C ILE B 522 15.73 -16.04 -54.06
N LYS B 523 15.44 -16.94 -55.01
CA LYS B 523 14.33 -16.74 -55.94
C LYS B 523 13.02 -17.17 -55.28
N VAL B 524 12.63 -16.40 -54.27
CA VAL B 524 11.34 -16.64 -53.62
C VAL B 524 10.19 -16.27 -54.55
N LEU B 525 10.34 -15.14 -55.27
CA LEU B 525 9.37 -14.71 -56.28
C LEU B 525 7.96 -14.58 -55.70
N LEU B 526 7.87 -14.06 -54.49
CA LEU B 526 6.60 -13.84 -53.82
C LEU B 526 6.40 -12.33 -53.63
N THR B 527 5.55 -11.74 -54.45
CA THR B 527 5.20 -10.33 -54.31
C THR B 527 3.97 -10.15 -53.44
N ASN B 528 4.00 -10.78 -52.27
CA ASN B 528 2.93 -10.73 -51.28
C ASN B 528 3.43 -11.39 -50.01
N LEU B 529 3.03 -10.85 -48.87
CA LEU B 529 3.47 -11.36 -47.57
C LEU B 529 2.27 -11.36 -46.63
N GLN B 530 1.73 -12.56 -46.37
CA GLN B 530 0.59 -12.70 -45.47
C GLN B 530 1.05 -12.85 -44.03
N PHE B 531 1.95 -13.81 -43.78
CA PHE B 531 2.47 -14.06 -42.44
C PHE B 531 3.89 -14.57 -42.54
N VAL B 532 4.73 -14.14 -41.60
CA VAL B 532 6.09 -14.62 -41.46
C VAL B 532 6.28 -15.04 -40.01
N LEU B 533 6.56 -16.32 -39.79
CA LEU B 533 6.69 -16.90 -38.46
C LEU B 533 8.08 -17.47 -38.27
N ALA B 534 8.65 -17.26 -37.09
CA ALA B 534 9.98 -17.77 -36.77
C ALA B 534 9.95 -18.54 -35.45
#